data_8PAK
#
_entry.id   8PAK
#
_cell.length_a   48.244
_cell.length_b   75.872
_cell.length_c   91.742
_cell.angle_alpha   90.000
_cell.angle_beta   94.269
_cell.angle_gamma   90.000
#
_symmetry.space_group_name_H-M   'P 1 21 1'
#
loop_
_entity.id
_entity.type
_entity.pdbx_description
1 polymer 'Squalene--hopene cyclase'
2 non-polymer 'ACETATE ION'
3 non-polymer 1,2-ETHANEDIOL
4 non-polymer (4S)-2-METHYL-2,4-PENTANEDIOL
5 non-polymer 1-(2-METHOXY-ETHOXY)-2-{2-[2-(2-METHOXY-ETHOXY]-ETHOXY}-ETHANE
6 water water
#
_entity_poly.entity_id   1
_entity_poly.type   'polypeptide(L)'
_entity_poly.pdbx_seq_one_letter_code
;MDAIPQHAPELEATVIESLARARRALEQAQKADGRWLDFRFRFVVGDRDVISSQWVTAYVGQALARVGADPAVLRRARDW
LKAHAHKEGGWGFSLATPADADSTANVVHFLSHTRGEPSDEAALAEACARLLHYWDETEGGFRTYRPAEQPSLDGWASYP
GSSWCDVHLCVSALAGRVLHAVGAPRHRPVLEACAHRVRQRQSPEGFWDAYWWHGRTYTTRHAAELLQLEGDTSGAVARA
VRWTLDTQREDGGWGNGIGGASTAFDTALALATLRLDPGPSGAALRSGLQWLVRTQRPEGDWDSAPLMRMPRPGEHAPWE
DPQGCLLLPVLTDRNRLFTTATVVSALADCLEGPRPGRGLS
;
_entity_poly.pdbx_strand_id   A,B
#
loop_
_chem_comp.id
_chem_comp.type
_chem_comp.name
_chem_comp.formula
ACT non-polymer 'ACETATE ION' 'C2 H3 O2 -1'
EDO non-polymer 1,2-ETHANEDIOL 'C2 H6 O2'
MPD non-polymer (4S)-2-METHYL-2,4-PENTANEDIOL 'C6 H14 O2'
PG6 non-polymer 1-(2-METHOXY-ETHOXY)-2-{2-[2-(2-METHOXY-ETHOXY]-ETHOXY}-ETHANE 'C12 H26 O6'
#
# COMPACT_ATOMS: atom_id res chain seq x y z
N ALA A 8 29.01 32.06 6.62
CA ALA A 8 28.02 32.93 5.93
C ALA A 8 27.40 33.91 6.94
N PRO A 9 28.14 34.95 7.39
CA PRO A 9 27.63 35.86 8.44
C PRO A 9 26.33 36.64 8.17
N GLU A 10 26.12 37.10 6.93
CA GLU A 10 24.94 37.88 6.61
CA GLU A 10 24.93 37.89 6.63
C GLU A 10 23.71 36.96 6.66
N LEU A 11 23.84 35.77 6.07
CA LEU A 11 22.77 34.79 6.09
C LEU A 11 22.45 34.35 7.51
N GLU A 12 23.49 34.03 8.29
CA GLU A 12 23.29 33.61 9.68
C GLU A 12 22.52 34.66 10.49
N ALA A 13 22.87 35.94 10.33
CA ALA A 13 22.12 37.01 10.99
C ALA A 13 20.66 37.04 10.52
N THR A 14 20.39 36.88 9.22
CA THR A 14 19.02 36.95 8.75
C THR A 14 18.23 35.73 9.22
N VAL A 15 18.89 34.57 9.35
CA VAL A 15 18.22 33.37 9.84
C VAL A 15 17.90 33.52 11.34
N ILE A 16 18.85 34.04 12.11
CA ILE A 16 18.60 34.32 13.52
C ILE A 16 17.39 35.23 13.67
N GLU A 17 17.30 36.31 12.87
CA GLU A 17 16.18 37.24 12.98
CA GLU A 17 16.18 37.23 12.99
C GLU A 17 14.89 36.54 12.58
N SER A 18 14.95 35.75 11.50
CA SER A 18 13.81 34.99 11.04
C SER A 18 13.27 34.10 12.16
N LEU A 19 14.17 33.39 12.81
CA LEU A 19 13.82 32.48 13.88
C LEU A 19 13.20 33.25 15.04
N ALA A 20 13.77 34.40 15.39
CA ALA A 20 13.24 35.21 16.50
C ALA A 20 11.81 35.63 16.19
N ARG A 21 11.54 36.07 14.96
CA ARG A 21 10.21 36.51 14.59
C ARG A 21 9.21 35.36 14.61
N ALA A 22 9.68 34.18 14.17
CA ALA A 22 8.85 32.97 14.19
C ALA A 22 8.55 32.50 15.63
N ARG A 23 9.56 32.46 16.48
CA ARG A 23 9.36 32.11 17.88
C ARG A 23 8.31 33.03 18.51
N ARG A 24 8.43 34.34 18.27
CA ARG A 24 7.46 35.32 18.76
CA ARG A 24 7.46 35.28 18.79
C ARG A 24 6.06 34.97 18.27
N ALA A 25 5.92 34.71 16.96
CA ALA A 25 4.62 34.44 16.39
C ALA A 25 3.98 33.23 17.06
N LEU A 26 4.80 32.18 17.29
CA LEU A 26 4.28 30.97 17.91
C LEU A 26 3.93 31.23 19.38
N GLU A 27 4.82 31.87 20.12
CA GLU A 27 4.56 32.16 21.54
C GLU A 27 3.30 32.99 21.69
N GLN A 28 3.14 34.03 20.85
CA GLN A 28 2.02 34.95 20.94
CA GLN A 28 2.02 34.93 20.99
C GLN A 28 0.69 34.26 20.62
N ALA A 29 0.72 33.13 19.88
CA ALA A 29 -0.49 32.42 19.48
C ALA A 29 -1.02 31.50 20.58
N GLN A 30 -0.20 31.22 21.61
CA GLN A 30 -0.60 30.37 22.71
C GLN A 30 -1.84 30.96 23.40
N LYS A 31 -2.77 30.07 23.69
CA LYS A 31 -3.99 30.43 24.41
C LYS A 31 -3.66 30.61 25.88
N ALA A 32 -4.55 31.30 26.58
CA ALA A 32 -4.35 31.60 28.00
C ALA A 32 -4.09 30.34 28.84
N ASP A 33 -4.70 29.21 28.48
CA ASP A 33 -4.56 28.00 29.28
C ASP A 33 -3.38 27.14 28.84
N GLY A 34 -2.60 27.59 27.85
CA GLY A 34 -1.38 26.88 27.46
C GLY A 34 -1.47 26.13 26.11
N ARG A 35 -2.67 26.01 25.54
CA ARG A 35 -2.80 25.22 24.33
CA ARG A 35 -2.92 25.27 24.30
C ARG A 35 -2.43 26.05 23.10
N TRP A 36 -2.04 25.33 22.05
CA TRP A 36 -2.04 25.87 20.69
C TRP A 36 -3.11 25.15 19.89
N LEU A 37 -3.76 25.86 18.98
CA LEU A 37 -4.83 25.29 18.17
C LEU A 37 -4.49 25.43 16.70
N ASP A 38 -4.64 24.34 15.95
CA ASP A 38 -4.58 24.40 14.50
C ASP A 38 -5.26 23.17 13.89
N PHE A 39 -5.48 23.21 12.55
CA PHE A 39 -6.23 22.22 11.83
C PHE A 39 -7.69 22.47 12.23
N ARG A 40 -8.51 22.25 11.29
CA ARG A 40 -9.94 22.40 11.49
C ARG A 40 -10.60 21.45 10.53
N PHE A 41 -11.52 20.65 11.01
CA PHE A 41 -12.25 19.78 10.11
C PHE A 41 -13.45 19.20 10.85
N ARG A 42 -14.42 18.70 10.08
CA ARG A 42 -15.48 17.84 10.57
C ARG A 42 -16.01 17.04 9.38
N PHE A 43 -16.79 16.00 9.68
CA PHE A 43 -17.30 15.06 8.69
C PHE A 43 -18.74 15.36 8.32
N VAL A 44 -19.44 15.98 9.28
CA VAL A 44 -20.85 16.27 9.22
C VAL A 44 -21.00 17.78 9.10
N VAL A 45 -21.82 18.25 8.14
CA VAL A 45 -22.04 19.69 7.99
C VAL A 45 -22.69 20.29 9.25
N GLY A 46 -23.73 19.62 9.73
CA GLY A 46 -24.49 20.06 10.90
C GLY A 46 -23.81 19.62 12.20
N ASP A 47 -22.54 20.00 12.35
CA ASP A 47 -21.79 19.73 13.57
C ASP A 47 -20.76 20.83 13.72
N ARG A 48 -20.08 20.77 14.86
CA ARG A 48 -18.97 21.67 15.16
C ARG A 48 -17.68 21.09 14.56
N ASP A 49 -16.79 22.03 14.22
CA ASP A 49 -15.45 21.73 13.77
C ASP A 49 -14.64 21.15 14.89
N VAL A 50 -13.88 20.11 14.53
CA VAL A 50 -12.82 19.60 15.37
C VAL A 50 -11.60 20.48 15.09
N ILE A 51 -10.92 20.89 16.16
N ILE A 51 -10.90 20.88 16.13
CA ILE A 51 -9.71 21.69 16.13
CA ILE A 51 -9.67 21.61 15.95
C ILE A 51 -8.65 20.88 16.87
C ILE A 51 -8.64 20.96 16.87
N SER A 52 -7.42 20.79 16.35
CA SER A 52 -6.40 20.06 17.08
C SER A 52 -5.88 20.92 18.24
N SER A 53 -6.00 20.37 19.45
CA SER A 53 -5.44 20.97 20.65
C SER A 53 -4.26 20.12 21.11
N GLN A 54 -4.46 18.85 21.41
CA GLN A 54 -3.40 18.09 22.05
C GLN A 54 -2.20 17.90 21.09
N TRP A 55 -2.46 17.38 19.88
CA TRP A 55 -1.39 17.14 18.90
C TRP A 55 -0.61 18.43 18.61
N VAL A 56 -1.33 19.48 18.24
CA VAL A 56 -0.68 20.73 17.89
C VAL A 56 0.06 21.35 19.08
N THR A 57 -0.53 21.29 20.28
CA THR A 57 0.14 21.82 21.45
C THR A 57 1.50 21.11 21.65
N ALA A 58 1.52 19.77 21.55
CA ALA A 58 2.77 19.04 21.71
C ALA A 58 3.76 19.37 20.60
N TYR A 59 3.28 19.47 19.36
CA TYR A 59 4.16 19.70 18.22
C TYR A 59 4.79 21.08 18.30
N VAL A 60 3.98 22.10 18.53
CA VAL A 60 4.47 23.47 18.66
C VAL A 60 5.39 23.57 19.88
N GLY A 61 4.95 22.98 21.00
CA GLY A 61 5.75 22.96 22.21
C GLY A 61 7.13 22.37 21.98
N GLN A 62 7.19 21.24 21.27
CA GLN A 62 8.47 20.57 21.04
C GLN A 62 9.39 21.49 20.26
N ALA A 63 8.85 22.11 19.19
CA ALA A 63 9.66 22.97 18.36
C ALA A 63 10.20 24.17 19.14
N LEU A 64 9.32 24.77 19.96
CA LEU A 64 9.73 25.92 20.77
C LEU A 64 10.73 25.47 21.85
N ALA A 65 10.52 24.27 22.41
CA ALA A 65 11.50 23.77 23.39
C ALA A 65 12.88 23.63 22.78
N ARG A 66 12.91 23.13 21.55
CA ARG A 66 14.17 22.88 20.86
CA ARG A 66 14.17 22.88 20.86
C ARG A 66 14.96 24.19 20.77
N VAL A 67 14.27 25.32 20.46
CA VAL A 67 14.94 26.61 20.29
C VAL A 67 15.02 27.44 21.58
N GLY A 68 14.79 26.84 22.75
CA GLY A 68 14.96 27.54 24.02
C GLY A 68 14.02 28.73 24.15
N ALA A 69 12.76 28.54 23.77
CA ALA A 69 11.72 29.56 23.89
C ALA A 69 11.37 29.79 25.35
N ASP A 70 10.47 30.78 25.58
CA ASP A 70 10.09 31.21 26.91
C ASP A 70 9.73 30.00 27.74
N PRO A 71 10.48 29.69 28.84
CA PRO A 71 10.18 28.50 29.64
C PRO A 71 8.78 28.48 30.26
N ALA A 72 8.18 29.68 30.44
CA ALA A 72 6.85 29.80 30.97
C ALA A 72 5.81 29.31 29.97
N VAL A 73 6.04 29.70 28.69
CA VAL A 73 5.19 29.26 27.61
C VAL A 73 5.21 27.74 27.56
N LEU A 74 6.41 27.17 27.67
CA LEU A 74 6.60 25.73 27.58
C LEU A 74 5.92 25.03 28.75
N ARG A 75 6.15 25.54 29.97
CA ARG A 75 5.54 24.96 31.15
C ARG A 75 4.00 25.00 31.05
N ARG A 76 3.42 26.13 30.63
CA ARG A 76 1.97 26.23 30.48
C ARG A 76 1.44 25.14 29.54
N ALA A 77 2.17 24.87 28.46
CA ALA A 77 1.79 23.84 27.51
C ALA A 77 1.93 22.42 28.08
N ARG A 78 3.02 22.15 28.80
CA ARG A 78 3.17 20.84 29.43
C ARG A 78 2.06 20.59 30.44
N ASP A 79 1.71 21.63 31.19
CA ASP A 79 0.70 21.51 32.22
C ASP A 79 -0.67 21.26 31.57
N TRP A 80 -0.93 21.96 30.46
CA TRP A 80 -2.18 21.78 29.73
C TRP A 80 -2.28 20.32 29.27
N LEU A 81 -1.21 19.81 28.71
CA LEU A 81 -1.22 18.43 28.19
C LEU A 81 -1.44 17.43 29.33
N LYS A 82 -0.82 17.66 30.48
CA LYS A 82 -0.98 16.73 31.59
CA LYS A 82 -0.96 16.76 31.64
C LYS A 82 -2.43 16.68 32.06
N ALA A 83 -3.12 17.84 32.02
CA ALA A 83 -4.49 17.94 32.51
C ALA A 83 -5.52 17.65 31.43
N HIS A 84 -5.06 17.43 30.19
CA HIS A 84 -5.98 17.13 29.11
C HIS A 84 -5.53 15.92 28.33
N ALA A 85 -5.11 14.86 29.01
CA ALA A 85 -4.93 13.56 28.39
C ALA A 85 -6.30 12.89 28.24
N HIS A 86 -6.39 12.00 27.24
CA HIS A 86 -7.54 11.13 27.15
C HIS A 86 -7.63 10.25 28.40
N LYS A 87 -8.85 9.81 28.71
CA LYS A 87 -9.07 8.88 29.80
C LYS A 87 -8.24 7.61 29.60
N GLU A 88 -8.15 7.11 28.37
CA GLU A 88 -7.19 6.07 27.99
C GLU A 88 -6.52 6.36 26.64
N GLY A 89 -5.28 5.88 26.46
CA GLY A 89 -4.64 5.86 25.15
C GLY A 89 -3.73 7.05 24.86
N GLY A 90 -3.60 8.00 25.81
CA GLY A 90 -2.65 9.09 25.68
C GLY A 90 -3.30 10.39 25.20
N TRP A 91 -2.93 10.84 23.99
CA TRP A 91 -3.44 12.09 23.41
C TRP A 91 -3.79 11.84 21.97
N GLY A 92 -4.63 12.71 21.38
CA GLY A 92 -5.03 12.57 19.99
C GLY A 92 -5.07 13.95 19.34
N PHE A 93 -5.87 14.07 18.30
CA PHE A 93 -6.06 15.36 17.67
C PHE A 93 -6.58 16.34 18.71
N SER A 94 -7.62 15.92 19.46
CA SER A 94 -8.21 16.69 20.53
C SER A 94 -8.98 15.69 21.39
N LEU A 95 -9.51 16.16 22.53
CA LEU A 95 -10.36 15.33 23.36
C LEU A 95 -11.68 14.98 22.69
N ALA A 96 -12.01 15.61 21.56
CA ALA A 96 -13.20 15.29 20.79
C ALA A 96 -12.99 14.09 19.88
N THR A 97 -11.74 13.63 19.71
CA THR A 97 -11.42 12.49 18.86
C THR A 97 -10.87 11.37 19.72
N PRO A 98 -10.63 10.16 19.16
CA PRO A 98 -9.85 9.17 19.89
C PRO A 98 -8.40 9.64 20.02
N ALA A 99 -7.68 8.98 20.94
CA ALA A 99 -6.24 9.14 21.05
C ALA A 99 -5.54 8.46 19.86
N ASP A 100 -4.30 8.85 19.61
CA ASP A 100 -3.57 8.20 18.54
C ASP A 100 -2.06 8.24 18.80
N ALA A 101 -1.36 7.36 18.06
CA ALA A 101 0.09 7.21 18.26
C ALA A 101 0.88 8.45 17.91
N ASP A 102 0.44 9.17 16.90
CA ASP A 102 1.24 10.27 16.40
C ASP A 102 1.16 11.48 17.34
N SER A 103 -0.05 11.82 17.75
CA SER A 103 -0.25 12.85 18.77
CA SER A 103 -0.26 12.85 18.77
C SER A 103 0.56 12.50 20.02
N THR A 104 0.45 11.23 20.43
CA THR A 104 1.12 10.76 21.64
C THR A 104 2.65 10.82 21.47
N ALA A 105 3.16 10.43 20.30
CA ALA A 105 4.59 10.53 20.03
C ALA A 105 5.06 11.97 20.15
N ASN A 106 4.26 12.92 19.65
CA ASN A 106 4.60 14.33 19.79
C ASN A 106 4.64 14.80 21.25
N VAL A 107 3.73 14.28 22.09
CA VAL A 107 3.78 14.58 23.51
C VAL A 107 5.11 14.08 24.10
N VAL A 108 5.46 12.82 23.81
CA VAL A 108 6.74 12.29 24.26
C VAL A 108 7.87 13.19 23.78
N HIS A 109 7.84 13.62 22.51
CA HIS A 109 8.91 14.41 21.94
C HIS A 109 9.03 15.74 22.70
N PHE A 110 7.88 16.37 22.97
CA PHE A 110 7.90 17.62 23.71
C PHE A 110 8.47 17.40 25.12
N LEU A 111 7.97 16.38 25.81
CA LEU A 111 8.41 16.13 27.18
C LEU A 111 9.87 15.68 27.25
N SER A 112 10.46 15.20 26.14
CA SER A 112 11.84 14.75 26.16
C SER A 112 12.81 15.90 26.45
N HIS A 113 12.32 17.14 26.27
CA HIS A 113 13.15 18.30 26.54
C HIS A 113 13.19 18.67 28.03
N THR A 114 12.38 18.02 28.87
CA THR A 114 12.31 18.32 30.29
C THR A 114 12.70 17.09 31.09
N ARG A 115 13.96 17.06 31.55
CA ARG A 115 14.51 15.87 32.17
C ARG A 115 15.14 16.19 33.52
N GLY A 116 15.14 15.22 34.42
CA GLY A 116 15.86 15.35 35.68
C GLY A 116 14.99 15.33 36.91
N GLU A 117 13.93 16.16 36.95
CA GLU A 117 13.10 16.19 38.14
C GLU A 117 12.23 14.93 38.15
N PRO A 118 12.14 14.17 39.27
CA PRO A 118 11.30 12.96 39.27
C PRO A 118 9.89 13.09 38.71
N SER A 119 9.20 14.22 38.96
CA SER A 119 7.88 14.45 38.37
C SER A 119 7.95 14.47 36.84
N ASP A 120 9.00 15.10 36.30
CA ASP A 120 9.15 15.19 34.87
C ASP A 120 9.53 13.83 34.28
N GLU A 121 10.35 13.07 34.99
CA GLU A 121 10.67 11.71 34.59
C GLU A 121 9.42 10.84 34.56
N ALA A 122 8.57 10.96 35.57
CA ALA A 122 7.31 10.21 35.63
C ALA A 122 6.42 10.57 34.45
N ALA A 123 6.26 11.88 34.17
CA ALA A 123 5.38 12.29 33.10
C ALA A 123 5.86 11.73 31.75
N LEU A 124 7.17 11.73 31.54
CA LEU A 124 7.72 11.24 30.29
C LEU A 124 7.56 9.71 30.17
N ALA A 125 7.83 8.97 31.25
CA ALA A 125 7.69 7.52 31.26
C ALA A 125 6.24 7.12 31.01
N GLU A 126 5.30 7.91 31.55
CA GLU A 126 3.88 7.63 31.34
C GLU A 126 3.55 7.83 29.86
N ALA A 127 4.01 8.95 29.30
CA ALA A 127 3.72 9.25 27.91
C ALA A 127 4.31 8.16 27.01
N CYS A 128 5.51 7.70 27.31
CA CYS A 128 6.15 6.65 26.53
C CYS A 128 5.33 5.36 26.62
N ALA A 129 4.81 5.04 27.79
CA ALA A 129 3.96 3.87 27.95
C ALA A 129 2.71 3.96 27.07
N ARG A 130 2.12 5.15 26.99
CA ARG A 130 0.96 5.37 26.15
C ARG A 130 1.32 5.20 24.67
N LEU A 131 2.49 5.72 24.27
CA LEU A 131 2.93 5.54 22.89
C LEU A 131 3.03 4.04 22.55
N LEU A 132 3.60 3.25 23.46
CA LEU A 132 3.83 1.84 23.18
C LEU A 132 2.57 1.02 23.08
N HIS A 133 1.45 1.54 23.58
CA HIS A 133 0.15 0.93 23.35
C HIS A 133 -0.15 0.79 21.86
N TYR A 134 0.44 1.63 21.00
CA TYR A 134 0.17 1.62 19.56
C TYR A 134 1.20 0.79 18.79
N TRP A 135 2.12 0.15 19.51
CA TRP A 135 3.20 -0.60 18.89
C TRP A 135 2.70 -1.97 18.49
N ASP A 136 2.99 -2.38 17.25
CA ASP A 136 2.66 -3.71 16.76
C ASP A 136 3.97 -4.51 16.71
N GLU A 137 4.11 -5.43 17.66
CA GLU A 137 5.28 -6.28 17.82
CA GLU A 137 5.33 -6.21 17.76
C GLU A 137 5.41 -7.24 16.63
N THR A 138 4.28 -7.69 16.08
CA THR A 138 4.33 -8.67 14.99
C THR A 138 4.79 -8.01 13.69
N GLU A 139 4.29 -6.81 13.39
CA GLU A 139 4.64 -6.12 12.15
C GLU A 139 5.85 -5.21 12.29
N GLY A 140 6.21 -4.79 13.52
CA GLY A 140 7.39 -3.97 13.73
C GLY A 140 7.14 -2.52 13.29
N GLY A 141 5.98 -2.02 13.65
CA GLY A 141 5.66 -0.62 13.41
C GLY A 141 4.58 -0.11 14.34
N PHE A 142 4.32 1.21 14.26
CA PHE A 142 3.22 1.83 14.99
C PHE A 142 2.00 2.02 14.10
N ARG A 143 0.83 1.70 14.69
CA ARG A 143 -0.48 1.95 14.11
C ARG A 143 -1.01 3.25 14.67
N THR A 144 -1.53 4.14 13.84
CA THR A 144 -1.94 5.44 14.36
C THR A 144 -3.11 5.25 15.34
N TYR A 145 -4.17 4.55 14.91
CA TYR A 145 -5.33 4.30 15.75
C TYR A 145 -5.39 2.82 16.12
N ARG A 146 -5.80 2.60 17.37
CA ARG A 146 -6.13 1.28 17.84
C ARG A 146 -7.57 0.98 17.43
N PRO A 147 -7.84 -0.23 16.89
CA PRO A 147 -9.19 -0.61 16.49
C PRO A 147 -10.13 -0.46 17.68
N ALA A 148 -11.16 0.36 17.50
CA ALA A 148 -12.00 0.82 18.60
C ALA A 148 -12.77 -0.35 19.18
N GLU A 149 -13.02 -0.25 20.49
CA GLU A 149 -13.69 -1.26 21.28
C GLU A 149 -15.16 -1.26 20.86
N GLN A 150 -15.80 -0.08 20.96
CA GLN A 150 -17.17 0.16 20.54
C GLN A 150 -17.11 1.05 19.30
N PRO A 151 -18.08 0.95 18.37
CA PRO A 151 -18.17 1.93 17.27
C PRO A 151 -18.33 3.33 17.86
N SER A 152 -17.54 4.29 17.36
CA SER A 152 -17.53 5.63 17.92
C SER A 152 -18.85 6.33 17.62
N LEU A 153 -19.11 7.47 18.30
CA LEU A 153 -20.40 8.14 18.21
C LEU A 153 -20.64 8.77 16.83
N ASP A 154 -19.75 9.69 16.37
CA ASP A 154 -19.96 10.37 15.08
C ASP A 154 -19.21 9.67 13.95
N GLY A 155 -19.04 8.33 14.06
CA GLY A 155 -18.49 7.54 12.96
C GLY A 155 -17.01 7.81 12.70
N TRP A 156 -16.23 8.22 13.73
CA TRP A 156 -14.78 8.26 13.60
C TRP A 156 -14.31 6.91 13.03
N ALA A 157 -13.42 6.95 12.04
CA ALA A 157 -13.10 5.80 11.23
C ALA A 157 -11.97 4.96 11.87
N SER A 158 -12.09 4.64 13.17
CA SER A 158 -11.12 3.83 13.88
C SER A 158 -11.61 2.40 14.04
N TYR A 159 -12.58 1.94 13.26
CA TYR A 159 -13.11 0.60 13.46
C TYR A 159 -12.13 -0.45 12.93
N PRO A 160 -12.25 -1.73 13.35
CA PRO A 160 -11.36 -2.77 12.86
C PRO A 160 -11.59 -2.87 11.35
N GLY A 161 -10.49 -2.85 10.61
CA GLY A 161 -10.56 -2.90 9.16
C GLY A 161 -10.20 -1.56 8.53
N SER A 162 -10.41 -0.45 9.26
CA SER A 162 -10.08 0.88 8.78
C SER A 162 -8.57 1.00 8.60
N SER A 163 -8.17 1.61 7.49
CA SER A 163 -6.76 1.91 7.23
C SER A 163 -6.19 2.89 8.25
N TRP A 164 -7.06 3.56 9.01
CA TRP A 164 -6.61 4.42 10.09
C TRP A 164 -5.87 3.61 11.14
N CYS A 165 -6.08 2.29 11.17
CA CYS A 165 -5.47 1.41 12.14
C CYS A 165 -4.31 0.63 11.60
N ASP A 166 -3.86 0.92 10.36
CA ASP A 166 -2.75 0.18 9.78
C ASP A 166 -1.44 0.66 10.41
N VAL A 167 -0.38 -0.14 10.26
CA VAL A 167 0.96 0.34 10.56
C VAL A 167 1.32 1.43 9.54
N HIS A 168 1.71 2.60 10.03
CA HIS A 168 1.95 3.76 9.19
C HIS A 168 3.43 4.16 9.24
N LEU A 169 3.97 4.41 8.04
CA LEU A 169 5.40 4.61 7.89
C LEU A 169 5.80 5.99 8.46
N CYS A 170 4.98 7.00 8.16
CA CYS A 170 5.19 8.35 8.62
C CYS A 170 5.24 8.39 10.15
N VAL A 171 4.26 7.76 10.81
CA VAL A 171 4.23 7.73 12.27
C VAL A 171 5.40 6.93 12.83
N SER A 172 5.70 5.78 12.21
CA SER A 172 6.79 4.93 12.66
C SER A 172 8.13 5.68 12.60
N ALA A 173 8.35 6.45 11.52
CA ALA A 173 9.58 7.19 11.35
C ALA A 173 9.73 8.22 12.48
N LEU A 174 8.67 9.02 12.70
CA LEU A 174 8.73 9.99 13.78
C LEU A 174 8.90 9.33 15.13
N ALA A 175 8.10 8.30 15.40
CA ALA A 175 8.18 7.65 16.69
C ALA A 175 9.59 7.12 16.98
N GLY A 176 10.28 6.59 15.98
CA GLY A 176 11.65 6.14 16.21
C GLY A 176 12.58 7.27 16.65
N ARG A 177 12.44 8.43 16.00
CA ARG A 177 13.25 9.59 16.34
C ARG A 177 12.96 10.03 17.76
N VAL A 178 11.68 10.00 18.10
CA VAL A 178 11.25 10.50 19.39
C VAL A 178 11.82 9.59 20.48
N LEU A 179 11.74 8.28 20.27
CA LEU A 179 12.27 7.36 21.26
C LEU A 179 13.78 7.49 21.39
N HIS A 180 14.46 7.79 20.29
CA HIS A 180 15.90 8.07 20.37
C HIS A 180 16.17 9.28 21.27
N ALA A 181 15.36 10.34 21.14
CA ALA A 181 15.51 11.52 21.97
C ALA A 181 15.37 11.21 23.47
N VAL A 182 14.50 10.27 23.82
CA VAL A 182 14.29 9.92 25.22
C VAL A 182 15.50 9.16 25.73
N GLY A 183 16.02 8.23 24.92
CA GLY A 183 17.29 7.57 25.21
C GLY A 183 17.22 6.52 26.31
N ALA A 184 16.05 5.92 26.50
CA ALA A 184 15.90 4.85 27.46
C ALA A 184 16.32 3.53 26.84
N PRO A 185 17.26 2.77 27.44
CA PRO A 185 17.58 1.43 26.92
C PRO A 185 16.40 0.52 26.61
N ARG A 186 15.36 0.56 27.43
CA ARG A 186 14.24 -0.36 27.27
C ARG A 186 13.55 -0.15 25.93
N HIS A 187 13.64 1.05 25.35
CA HIS A 187 12.94 1.38 24.11
C HIS A 187 13.78 1.11 22.87
N ARG A 188 15.08 0.82 23.05
CA ARG A 188 15.98 0.68 21.93
C ARG A 188 15.46 -0.39 20.96
N PRO A 189 14.96 -1.54 21.45
CA PRO A 189 14.35 -2.53 20.56
C PRO A 189 13.24 -2.00 19.64
N VAL A 190 12.32 -1.20 20.15
CA VAL A 190 11.27 -0.62 19.31
C VAL A 190 11.89 0.36 18.30
N LEU A 191 12.82 1.19 18.76
CA LEU A 191 13.51 2.18 17.93
C LEU A 191 14.19 1.50 16.72
N GLU A 192 14.88 0.40 16.96
CA GLU A 192 15.62 -0.32 15.93
CA GLU A 192 15.62 -0.34 15.94
C GLU A 192 14.65 -1.01 14.96
N ALA A 193 13.52 -1.51 15.46
CA ALA A 193 12.51 -2.11 14.56
C ALA A 193 11.90 -1.04 13.67
N CYS A 194 11.65 0.15 14.21
CA CYS A 194 11.20 1.25 13.36
C CYS A 194 12.21 1.54 12.26
N ALA A 195 13.51 1.63 12.61
CA ALA A 195 14.53 1.85 11.60
C ALA A 195 14.52 0.76 10.54
N HIS A 196 14.41 -0.53 10.95
CA HIS A 196 14.35 -1.62 9.99
CA HIS A 196 14.35 -1.62 9.99
C HIS A 196 13.23 -1.43 8.98
N ARG A 197 12.02 -1.14 9.47
CA ARG A 197 10.88 -0.91 8.58
C ARG A 197 11.14 0.23 7.60
N VAL A 198 11.69 1.36 8.05
CA VAL A 198 11.92 2.46 7.10
C VAL A 198 13.01 2.09 6.11
N ARG A 199 14.07 1.39 6.58
CA ARG A 199 15.13 0.98 5.68
CA ARG A 199 15.13 0.99 5.68
C ARG A 199 14.54 0.12 4.55
N GLN A 200 13.68 -0.82 4.92
CA GLN A 200 13.12 -1.74 3.93
C GLN A 200 12.22 -1.03 2.92
N ARG A 201 11.61 0.09 3.30
CA ARG A 201 10.53 0.62 2.48
C ARG A 201 10.84 1.97 1.89
N GLN A 202 12.13 2.37 1.88
CA GLN A 202 12.55 3.52 1.10
C GLN A 202 12.32 3.26 -0.39
N SER A 203 11.86 4.27 -1.14
CA SER A 203 11.78 4.16 -2.58
C SER A 203 13.21 4.03 -3.12
N PRO A 204 13.41 3.33 -4.25
CA PRO A 204 14.68 3.35 -4.96
C PRO A 204 15.19 4.75 -5.29
N GLU A 205 14.26 5.69 -5.52
CA GLU A 205 14.62 7.07 -5.79
C GLU A 205 15.18 7.81 -4.60
N GLY A 206 14.84 7.35 -3.38
CA GLY A 206 15.42 7.92 -2.17
C GLY A 206 14.42 8.53 -1.19
N PHE A 207 13.17 8.80 -1.63
CA PHE A 207 12.12 9.32 -0.75
C PHE A 207 11.35 8.18 -0.11
N TRP A 208 10.56 8.54 0.91
CA TRP A 208 9.54 7.68 1.49
C TRP A 208 8.16 8.28 1.32
N ASP A 209 7.17 7.41 1.10
CA ASP A 209 5.78 7.83 1.15
C ASP A 209 5.29 7.94 2.59
N ALA A 210 4.06 8.48 2.71
CA ALA A 210 3.43 8.73 4.00
C ALA A 210 1.98 8.28 3.91
N TYR A 211 1.38 7.91 5.06
CA TYR A 211 -0.06 7.66 5.10
C TYR A 211 -0.82 9.00 5.23
N TRP A 212 -0.44 9.79 6.23
CA TRP A 212 -1.20 10.99 6.61
C TRP A 212 -0.79 12.26 5.88
N TRP A 213 0.28 12.24 5.06
CA TRP A 213 0.90 13.45 4.57
C TRP A 213 0.85 13.49 3.06
N HIS A 214 0.41 14.64 2.52
CA HIS A 214 0.14 14.83 1.11
C HIS A 214 1.48 15.21 0.46
N GLY A 215 2.37 14.23 0.39
CA GLY A 215 3.69 14.51 -0.18
C GLY A 215 4.73 13.45 0.15
N ARG A 216 5.93 13.71 -0.41
CA ARG A 216 7.09 12.84 -0.27
C ARG A 216 8.14 13.41 0.69
N THR A 217 7.90 14.60 1.28
CA THR A 217 8.89 15.27 2.09
C THR A 217 8.84 14.83 3.54
N TYR A 218 7.66 14.49 4.07
CA TYR A 218 7.52 14.30 5.49
C TYR A 218 8.22 13.02 5.97
N THR A 219 7.81 11.86 5.46
CA THR A 219 8.45 10.65 5.94
C THR A 219 9.95 10.66 5.65
N THR A 220 10.34 11.17 4.49
CA THR A 220 11.74 11.27 4.10
C THR A 220 12.55 11.94 5.21
N ARG A 221 12.11 13.12 5.65
CA ARG A 221 12.80 13.82 6.70
C ARG A 221 12.97 12.99 7.98
N HIS A 222 11.89 12.35 8.45
CA HIS A 222 11.95 11.64 9.71
C HIS A 222 12.72 10.32 9.55
N ALA A 223 12.46 9.59 8.47
CA ALA A 223 13.09 8.27 8.26
C ALA A 223 14.61 8.44 8.07
N ALA A 224 15.02 9.49 7.33
CA ALA A 224 16.44 9.70 7.08
C ALA A 224 17.17 9.98 8.40
N GLU A 225 16.61 10.84 9.28
CA GLU A 225 17.25 11.11 10.55
C GLU A 225 17.25 9.88 11.44
N LEU A 226 16.15 9.13 11.47
CA LEU A 226 16.12 7.93 12.27
C LEU A 226 17.27 7.00 11.88
N LEU A 227 17.46 6.81 10.57
CA LEU A 227 18.49 5.87 10.12
C LEU A 227 19.88 6.40 10.45
N GLN A 228 20.06 7.71 10.37
CA GLN A 228 21.35 8.26 10.73
C GLN A 228 21.63 8.06 12.22
N LEU A 229 20.61 8.29 13.06
CA LEU A 229 20.77 8.14 14.51
C LEU A 229 21.10 6.69 14.85
N GLU A 230 20.59 5.77 14.03
CA GLU A 230 20.83 4.34 14.21
C GLU A 230 22.14 3.87 13.63
N GLY A 231 22.86 4.73 12.91
CA GLY A 231 24.16 4.38 12.35
C GLY A 231 24.04 3.49 11.11
N ASP A 232 23.04 3.74 10.29
CA ASP A 232 22.79 2.90 9.13
C ASP A 232 23.99 2.99 8.18
N THR A 233 24.41 1.85 7.66
CA THR A 233 25.53 1.80 6.72
C THR A 233 25.09 1.42 5.33
N SER A 234 23.79 1.51 4.99
CA SER A 234 23.29 0.92 3.75
C SER A 234 23.12 1.96 2.64
N GLY A 235 23.52 3.21 2.91
CA GLY A 235 23.45 4.28 1.94
C GLY A 235 22.12 5.02 1.95
N ALA A 236 21.20 4.67 2.87
CA ALA A 236 19.86 5.22 2.83
C ALA A 236 19.89 6.74 2.96
N VAL A 237 20.67 7.25 3.93
CA VAL A 237 20.68 8.68 4.20
C VAL A 237 21.20 9.43 2.98
N ALA A 238 22.36 8.98 2.46
CA ALA A 238 22.91 9.61 1.28
C ALA A 238 21.93 9.61 0.11
N ARG A 239 21.18 8.52 -0.10
CA ARG A 239 20.22 8.47 -1.22
CA ARG A 239 20.22 8.45 -1.20
C ARG A 239 19.08 9.46 -0.97
N ALA A 240 18.62 9.58 0.30
CA ALA A 240 17.59 10.55 0.62
C ALA A 240 18.04 11.97 0.39
N VAL A 241 19.29 12.25 0.76
CA VAL A 241 19.85 13.59 0.55
C VAL A 241 20.03 13.87 -0.94
N ARG A 242 20.52 12.90 -1.71
CA ARG A 242 20.68 13.12 -3.14
CA ARG A 242 20.69 13.10 -3.15
C ARG A 242 19.33 13.42 -3.77
N TRP A 243 18.30 12.66 -3.37
CA TRP A 243 16.96 12.89 -3.90
C TRP A 243 16.51 14.31 -3.56
N THR A 244 16.76 14.72 -2.31
CA THR A 244 16.40 16.06 -1.85
C THR A 244 17.11 17.13 -2.69
N LEU A 245 18.44 17.01 -2.82
CA LEU A 245 19.18 17.91 -3.67
C LEU A 245 18.59 17.95 -5.09
N ASP A 246 18.30 16.77 -5.65
CA ASP A 246 17.81 16.68 -7.03
C ASP A 246 16.42 17.27 -7.20
N THR A 247 15.63 17.43 -6.12
CA THR A 247 14.25 17.89 -6.23
C THR A 247 14.09 19.36 -5.82
N GLN A 248 15.15 20.03 -5.41
CA GLN A 248 15.01 21.44 -5.07
C GLN A 248 14.49 22.22 -6.28
N ARG A 249 13.57 23.16 -6.04
CA ARG A 249 12.98 23.91 -7.15
C ARG A 249 13.85 25.11 -7.47
N GLU A 250 13.60 25.72 -8.62
CA GLU A 250 14.46 26.78 -9.11
CA GLU A 250 14.47 26.78 -9.11
C GLU A 250 14.37 28.02 -8.22
N ASP A 251 13.25 28.20 -7.50
CA ASP A 251 13.14 29.34 -6.60
C ASP A 251 13.95 29.15 -5.31
N GLY A 252 14.48 27.92 -5.11
CA GLY A 252 15.27 27.61 -3.94
C GLY A 252 14.48 26.85 -2.88
N GLY A 253 13.16 26.77 -3.07
CA GLY A 253 12.29 26.08 -2.14
C GLY A 253 12.11 24.64 -2.58
N TRP A 254 11.35 23.88 -1.78
CA TRP A 254 10.83 22.58 -2.22
C TRP A 254 9.32 22.59 -2.12
N GLY A 255 8.69 21.80 -3.00
CA GLY A 255 7.29 21.44 -2.84
C GLY A 255 7.16 19.99 -2.38
N ASN A 256 5.91 19.49 -2.51
CA ASN A 256 5.52 18.26 -1.87
C ASN A 256 5.99 17.04 -2.64
N GLY A 257 6.49 17.23 -3.88
CA GLY A 257 6.93 16.12 -4.71
C GLY A 257 5.83 15.40 -5.44
N ILE A 258 4.57 15.84 -5.32
CA ILE A 258 3.46 15.22 -6.03
C ILE A 258 2.69 16.30 -6.78
N GLY A 259 3.40 17.33 -7.20
CA GLY A 259 2.83 18.37 -8.05
C GLY A 259 2.72 19.75 -7.42
N GLY A 260 3.00 19.88 -6.13
CA GLY A 260 2.88 21.18 -5.46
C GLY A 260 4.08 22.08 -5.73
N ALA A 261 3.81 23.39 -5.75
CA ALA A 261 4.83 24.42 -5.72
C ALA A 261 5.55 24.50 -4.37
N SER A 262 6.59 25.32 -4.31
CA SER A 262 7.36 25.48 -3.10
C SER A 262 6.48 25.92 -1.93
N THR A 263 6.63 25.24 -0.78
CA THR A 263 6.02 25.66 0.47
C THR A 263 7.08 25.71 1.57
N ALA A 264 6.75 26.50 2.62
CA ALA A 264 7.61 26.56 3.81
C ALA A 264 7.75 25.20 4.50
N PHE A 265 6.63 24.48 4.61
CA PHE A 265 6.62 23.18 5.25
C PHE A 265 7.58 22.23 4.53
N ASP A 266 7.43 22.12 3.21
CA ASP A 266 8.24 21.19 2.43
C ASP A 266 9.71 21.63 2.46
N THR A 267 9.95 22.94 2.39
CA THR A 267 11.31 23.46 2.39
C THR A 267 12.01 23.15 3.72
N ALA A 268 11.30 23.34 4.84
CA ALA A 268 11.85 23.07 6.15
C ALA A 268 12.21 21.58 6.24
N LEU A 269 11.29 20.73 5.81
CA LEU A 269 11.57 19.29 5.88
C LEU A 269 12.80 18.95 5.04
N ALA A 270 12.87 19.51 3.84
CA ALA A 270 14.00 19.28 2.96
C ALA A 270 15.30 19.72 3.63
N LEU A 271 15.33 20.94 4.22
CA LEU A 271 16.54 21.42 4.88
C LEU A 271 16.97 20.50 6.02
N ALA A 272 16.01 20.05 6.81
CA ALA A 272 16.28 19.14 7.91
C ALA A 272 16.89 17.84 7.38
N THR A 273 16.50 17.46 6.17
CA THR A 273 17.03 16.24 5.56
C THR A 273 18.47 16.48 5.07
N LEU A 274 18.70 17.61 4.39
CA LEU A 274 20.02 17.95 3.87
C LEU A 274 21.06 18.07 4.97
N ARG A 275 20.66 18.56 6.15
CA ARG A 275 21.65 18.81 7.18
CA ARG A 275 21.57 18.80 7.25
C ARG A 275 22.23 17.48 7.69
N LEU A 276 21.57 16.36 7.39
CA LEU A 276 22.09 15.04 7.75
C LEU A 276 23.34 14.66 6.98
N ASP A 277 23.48 15.17 5.74
CA ASP A 277 24.64 14.85 4.89
C ASP A 277 25.05 16.16 4.23
N PRO A 278 25.69 17.08 4.98
CA PRO A 278 25.88 18.45 4.49
C PRO A 278 26.98 18.58 3.44
N GLY A 279 27.84 17.55 3.30
CA GLY A 279 29.00 17.67 2.42
C GLY A 279 28.71 18.24 1.04
N PRO A 280 27.80 17.61 0.26
CA PRO A 280 27.45 18.13 -1.06
C PRO A 280 26.34 19.18 -1.06
N SER A 281 25.88 19.60 0.13
CA SER A 281 24.55 20.20 0.26
C SER A 281 24.59 21.69 0.60
N GLY A 282 25.77 22.29 0.71
CA GLY A 282 25.85 23.60 1.33
C GLY A 282 25.11 24.69 0.54
N ALA A 283 25.26 24.71 -0.78
CA ALA A 283 24.59 25.74 -1.56
C ALA A 283 23.07 25.52 -1.52
N ALA A 284 22.64 24.27 -1.51
CA ALA A 284 21.22 23.95 -1.46
C ALA A 284 20.64 24.40 -0.12
N LEU A 285 21.38 24.17 0.99
CA LEU A 285 20.96 24.64 2.32
C LEU A 285 20.82 26.17 2.31
N ARG A 286 21.81 26.86 1.77
CA ARG A 286 21.78 28.32 1.75
C ARG A 286 20.59 28.82 0.96
N SER A 287 20.35 28.26 -0.23
CA SER A 287 19.27 28.74 -1.09
CA SER A 287 19.27 28.74 -1.09
C SER A 287 17.91 28.46 -0.45
N GLY A 288 17.76 27.30 0.20
CA GLY A 288 16.50 27.01 0.88
C GLY A 288 16.27 27.95 2.06
N LEU A 289 17.32 28.22 2.85
CA LEU A 289 17.21 29.18 3.95
C LEU A 289 16.83 30.56 3.41
N GLN A 290 17.43 30.98 2.28
CA GLN A 290 17.09 32.27 1.68
C GLN A 290 15.62 32.28 1.26
N TRP A 291 15.11 31.17 0.76
CA TRP A 291 13.71 31.08 0.34
C TRP A 291 12.82 31.33 1.56
N LEU A 292 13.14 30.68 2.70
CA LEU A 292 12.37 30.91 3.92
C LEU A 292 12.47 32.35 4.39
N VAL A 293 13.68 32.93 4.42
CA VAL A 293 13.85 34.31 4.84
C VAL A 293 13.01 35.25 3.96
N ARG A 294 13.03 35.03 2.64
CA ARG A 294 12.41 35.92 1.68
C ARG A 294 10.87 35.84 1.76
N THR A 295 10.32 34.67 2.10
CA THR A 295 8.88 34.45 2.02
C THR A 295 8.20 34.55 3.39
N GLN A 296 8.96 34.70 4.46
CA GLN A 296 8.35 34.82 5.77
C GLN A 296 7.32 35.93 5.77
N ARG A 297 6.16 35.64 6.39
CA ARG A 297 5.10 36.63 6.46
C ARG A 297 5.49 37.73 7.43
N PRO A 298 4.93 38.95 7.27
CA PRO A 298 5.16 40.03 8.21
C PRO A 298 4.96 39.63 9.68
N GLU A 299 3.93 38.79 9.90
CA GLU A 299 3.53 38.30 11.22
C GLU A 299 4.64 37.47 11.86
N GLY A 300 5.58 36.91 11.07
CA GLY A 300 6.66 36.10 11.57
C GLY A 300 6.47 34.61 11.31
N ASP A 301 5.28 34.23 10.82
CA ASP A 301 4.99 32.86 10.42
C ASP A 301 5.19 32.72 8.90
N TRP A 302 4.91 31.51 8.38
CA TRP A 302 4.91 31.25 6.95
C TRP A 302 3.52 30.81 6.49
N ASP A 303 3.23 31.05 5.20
CA ASP A 303 2.01 30.58 4.59
C ASP A 303 1.93 29.08 4.67
N SER A 304 0.74 28.60 5.03
CA SER A 304 0.50 27.16 5.05
C SER A 304 -0.12 26.75 3.71
N ALA A 305 -0.10 25.46 3.48
CA ALA A 305 -0.61 24.85 2.27
C ALA A 305 -1.25 23.54 2.66
N PRO A 306 -1.98 22.87 1.74
CA PRO A 306 -2.61 21.61 2.08
C PRO A 306 -1.54 20.54 2.29
N LEU A 307 -1.39 20.08 3.52
CA LEU A 307 -0.26 19.24 3.89
C LEU A 307 -0.67 17.90 4.45
N MET A 308 -1.88 17.80 5.06
CA MET A 308 -2.20 16.60 5.80
C MET A 308 -3.49 16.04 5.24
N ARG A 309 -3.46 14.75 4.85
CA ARG A 309 -4.60 14.16 4.20
C ARG A 309 -5.20 13.08 5.08
N MET A 310 -6.53 13.03 5.09
CA MET A 310 -7.24 12.00 5.81
CA MET A 310 -7.24 12.00 5.81
C MET A 310 -7.81 11.06 4.75
N PRO A 311 -7.19 9.88 4.52
CA PRO A 311 -7.73 8.93 3.56
C PRO A 311 -9.04 8.33 4.03
N ARG A 312 -9.86 7.85 3.08
CA ARG A 312 -10.99 7.04 3.44
C ARG A 312 -10.48 5.77 4.12
N PRO A 313 -11.22 5.26 5.11
CA PRO A 313 -10.80 4.04 5.83
C PRO A 313 -10.64 2.81 4.94
N GLY A 314 -11.35 2.76 3.79
CA GLY A 314 -11.21 1.66 2.85
C GLY A 314 -9.96 1.74 1.97
N GLU A 315 -9.20 2.86 2.03
CA GLU A 315 -7.97 3.05 1.25
C GLU A 315 -6.76 2.70 2.09
N HIS A 316 -6.02 1.66 1.69
CA HIS A 316 -4.86 1.22 2.44
C HIS A 316 -3.53 1.67 1.82
N ALA A 317 -3.55 2.37 0.67
CA ALA A 317 -2.34 2.85 0.03
C ALA A 317 -2.60 4.23 -0.57
N PRO A 318 -2.91 5.24 0.25
CA PRO A 318 -3.28 6.56 -0.27
C PRO A 318 -2.23 7.23 -1.16
N TRP A 319 -0.94 6.89 -0.94
CA TRP A 319 0.17 7.40 -1.74
C TRP A 319 0.08 6.98 -3.21
N GLU A 320 -0.69 5.91 -3.49
CA GLU A 320 -0.93 5.46 -4.85
C GLU A 320 -1.97 6.34 -5.55
N ASP A 321 -2.75 7.12 -4.81
CA ASP A 321 -3.86 7.86 -5.38
C ASP A 321 -4.14 9.08 -4.50
N PRO A 322 -3.18 10.01 -4.42
CA PRO A 322 -3.30 11.11 -3.45
C PRO A 322 -4.51 12.01 -3.66
N GLN A 323 -4.99 12.18 -4.90
CA GLN A 323 -6.15 13.03 -5.14
C GLN A 323 -7.46 12.26 -4.91
N GLY A 324 -7.42 10.93 -5.12
CA GLY A 324 -8.63 10.12 -5.20
C GLY A 324 -8.99 9.44 -3.88
N CYS A 325 -8.09 9.46 -2.91
CA CYS A 325 -8.22 8.69 -1.67
C CYS A 325 -8.94 9.43 -0.56
N LEU A 326 -9.35 10.71 -0.77
CA LEU A 326 -9.57 11.65 0.31
C LEU A 326 -10.94 11.48 0.95
N LEU A 327 -10.98 11.38 2.27
CA LEU A 327 -12.26 11.41 2.96
C LEU A 327 -12.80 12.84 2.96
N LEU A 328 -11.87 13.77 3.11
CA LEU A 328 -12.12 15.20 3.20
C LEU A 328 -11.08 15.88 2.34
N PRO A 329 -11.27 17.16 1.94
CA PRO A 329 -10.18 17.90 1.32
C PRO A 329 -8.90 17.86 2.17
N VAL A 330 -7.75 17.90 1.51
CA VAL A 330 -6.47 17.91 2.20
C VAL A 330 -6.51 19.09 3.18
N LEU A 331 -6.07 18.82 4.41
CA LEU A 331 -6.11 19.81 5.49
C LEU A 331 -4.91 20.74 5.39
N THR A 332 -5.19 22.03 5.58
CA THR A 332 -4.18 23.06 5.79
C THR A 332 -4.21 23.39 7.28
N ASP A 333 -3.05 23.77 7.83
CA ASP A 333 -2.99 24.34 9.18
C ASP A 333 -3.27 25.83 8.96
N ARG A 334 -4.56 26.21 9.02
CA ARG A 334 -4.92 27.56 8.62
C ARG A 334 -4.38 28.62 9.59
N ASN A 335 -3.99 28.24 10.81
CA ASN A 335 -3.38 29.22 11.71
C ASN A 335 -1.86 29.27 11.53
N ARG A 336 -1.33 28.43 10.60
CA ARG A 336 0.08 28.41 10.22
C ARG A 336 1.02 27.96 11.33
N LEU A 337 0.50 27.47 12.46
CA LEU A 337 1.33 27.07 13.57
C LEU A 337 2.09 25.77 13.28
N PHE A 338 1.48 24.82 12.61
CA PHE A 338 2.18 23.54 12.39
C PHE A 338 3.31 23.76 11.39
N THR A 339 3.00 24.49 10.30
CA THR A 339 3.99 24.87 9.30
C THR A 339 5.13 25.63 9.99
N THR A 340 4.78 26.64 10.82
CA THR A 340 5.80 27.51 11.37
C THR A 340 6.65 26.76 12.38
N ALA A 341 6.05 25.89 13.16
CA ALA A 341 6.81 25.06 14.08
C ALA A 341 7.79 24.15 13.32
N THR A 342 7.40 23.68 12.14
CA THR A 342 8.27 22.85 11.32
C THR A 342 9.48 23.67 10.84
N VAL A 343 9.22 24.92 10.41
CA VAL A 343 10.27 25.83 10.01
C VAL A 343 11.24 26.09 11.14
N VAL A 344 10.71 26.40 12.34
CA VAL A 344 11.55 26.81 13.44
C VAL A 344 12.55 25.70 13.74
N SER A 345 12.08 24.46 13.69
CA SER A 345 12.96 23.33 13.95
C SER A 345 14.09 23.27 12.93
N ALA A 346 13.74 23.48 11.65
CA ALA A 346 14.75 23.41 10.58
C ALA A 346 15.77 24.54 10.72
N LEU A 347 15.31 25.75 11.06
CA LEU A 347 16.21 26.86 11.19
C LEU A 347 17.23 26.58 12.28
N ALA A 348 16.75 26.05 13.40
CA ALA A 348 17.59 25.68 14.53
C ALA A 348 18.61 24.64 14.10
N ASP A 349 18.15 23.64 13.34
CA ASP A 349 19.03 22.59 12.83
C ASP A 349 20.19 23.22 12.06
N CYS A 350 19.84 24.17 11.19
CA CYS A 350 20.79 24.77 10.26
C CYS A 350 21.75 25.69 10.99
N LEU A 351 21.34 26.30 12.12
CA LEU A 351 22.19 27.20 12.87
C LEU A 351 23.19 26.40 13.70
N GLU A 352 22.85 25.16 14.11
CA GLU A 352 23.69 24.47 15.10
C GLU A 352 25.07 24.09 14.52
N ALA B 8 6.00 -18.01 -38.98
CA ALA B 8 6.88 -19.04 -38.35
C ALA B 8 6.15 -20.39 -38.31
N PRO B 9 5.98 -21.08 -39.47
CA PRO B 9 5.25 -22.35 -39.54
C PRO B 9 5.74 -23.52 -38.69
N GLU B 10 7.07 -23.66 -38.51
CA GLU B 10 7.63 -24.75 -37.74
C GLU B 10 7.24 -24.58 -36.26
N LEU B 11 7.38 -23.36 -35.76
CA LEU B 11 7.05 -23.06 -34.39
C LEU B 11 5.55 -23.25 -34.14
N GLU B 12 4.71 -22.73 -35.07
CA GLU B 12 3.27 -22.87 -34.94
C GLU B 12 2.85 -24.33 -34.79
N ALA B 13 3.43 -25.22 -35.59
CA ALA B 13 3.13 -26.64 -35.46
C ALA B 13 3.53 -27.19 -34.08
N THR B 14 4.70 -26.79 -33.57
CA THR B 14 5.14 -27.29 -32.28
C THR B 14 4.25 -26.72 -31.15
N VAL B 15 3.73 -25.50 -31.33
CA VAL B 15 2.89 -24.88 -30.31
C VAL B 15 1.51 -25.57 -30.30
N ILE B 16 0.96 -25.85 -31.49
CA ILE B 16 -0.29 -26.57 -31.58
C ILE B 16 -0.15 -27.91 -30.84
N GLU B 17 0.95 -28.63 -31.04
CA GLU B 17 1.13 -29.93 -30.43
C GLU B 17 1.30 -29.78 -28.92
N SER B 18 2.06 -28.76 -28.52
CA SER B 18 2.27 -28.45 -27.10
C SER B 18 0.92 -28.25 -26.41
N LEU B 19 0.06 -27.43 -27.02
CA LEU B 19 -1.25 -27.14 -26.49
C LEU B 19 -2.09 -28.41 -26.40
N ALA B 20 -2.05 -29.24 -27.44
CA ALA B 20 -2.86 -30.45 -27.45
C ALA B 20 -2.42 -31.38 -26.31
N ARG B 21 -1.12 -31.50 -26.09
CA ARG B 21 -0.62 -32.35 -25.03
C ARG B 21 -0.97 -31.82 -23.65
N ALA B 22 -0.96 -30.50 -23.50
CA ALA B 22 -1.33 -29.87 -22.24
C ALA B 22 -2.83 -30.01 -21.96
N ARG B 23 -3.66 -29.80 -22.99
CA ARG B 23 -5.10 -29.99 -22.85
CA ARG B 23 -5.11 -29.98 -22.86
C ARG B 23 -5.38 -31.39 -22.33
N ARG B 24 -4.75 -32.41 -22.95
CA ARG B 24 -4.89 -33.79 -22.53
CA ARG B 24 -4.91 -33.78 -22.52
C ARG B 24 -4.47 -33.97 -21.07
N ALA B 25 -3.32 -33.40 -20.69
CA ALA B 25 -2.80 -33.57 -19.35
C ALA B 25 -3.80 -33.03 -18.33
N LEU B 26 -4.39 -31.86 -18.63
CA LEU B 26 -5.35 -31.27 -17.72
C LEU B 26 -6.63 -32.11 -17.65
N GLU B 27 -7.12 -32.57 -18.81
CA GLU B 27 -8.33 -33.38 -18.86
C GLU B 27 -8.14 -34.65 -18.01
N GLN B 28 -6.98 -35.29 -18.16
CA GLN B 28 -6.71 -36.56 -17.49
CA GLN B 28 -6.72 -36.56 -17.48
C GLN B 28 -6.56 -36.37 -15.98
N ALA B 29 -6.25 -35.14 -15.52
CA ALA B 29 -6.04 -34.88 -14.09
C ALA B 29 -7.35 -34.66 -13.33
N GLN B 30 -8.45 -34.46 -14.06
CA GLN B 30 -9.74 -34.24 -13.43
C GLN B 30 -10.13 -35.46 -12.59
N LYS B 31 -10.68 -35.16 -11.39
CA LYS B 31 -11.29 -36.18 -10.55
C LYS B 31 -12.58 -36.68 -11.16
N ALA B 32 -13.00 -37.88 -10.75
CA ALA B 32 -14.22 -38.49 -11.27
C ALA B 32 -15.45 -37.58 -11.10
N ASP B 33 -15.50 -36.78 -10.01
CA ASP B 33 -16.66 -35.98 -9.75
C ASP B 33 -16.56 -34.59 -10.38
N GLY B 34 -15.46 -34.28 -11.07
CA GLY B 34 -15.39 -33.05 -11.84
C GLY B 34 -14.40 -32.02 -11.33
N ARG B 35 -13.89 -32.23 -10.12
CA ARG B 35 -12.95 -31.34 -9.46
C ARG B 35 -11.57 -31.40 -10.10
N TRP B 36 -10.87 -30.27 -10.09
CA TRP B 36 -9.41 -30.26 -10.10
C TRP B 36 -8.93 -29.80 -8.72
N LEU B 37 -7.81 -30.33 -8.25
CA LEU B 37 -7.27 -30.03 -6.92
C LEU B 37 -5.84 -29.55 -7.06
N ASP B 38 -5.50 -28.43 -6.41
CA ASP B 38 -4.12 -27.97 -6.36
C ASP B 38 -3.94 -26.99 -5.21
N PHE B 39 -2.72 -26.51 -5.00
CA PHE B 39 -2.33 -25.69 -3.87
C PHE B 39 -2.53 -26.40 -2.54
N ARG B 40 -2.15 -27.67 -2.47
CA ARG B 40 -2.13 -28.36 -1.20
C ARG B 40 -1.04 -27.74 -0.33
N PHE B 41 -1.36 -27.45 0.94
CA PHE B 41 -0.36 -27.06 1.90
C PHE B 41 -0.93 -27.15 3.31
N ARG B 42 -0.04 -27.07 4.30
CA ARG B 42 -0.45 -27.04 5.69
C ARG B 42 -0.56 -25.58 6.12
N PHE B 43 -1.78 -25.16 6.54
CA PHE B 43 -2.02 -23.79 6.96
C PHE B 43 -1.39 -23.66 8.35
N VAL B 44 -1.43 -22.46 8.93
CA VAL B 44 -0.80 -22.25 10.23
C VAL B 44 -1.56 -22.95 11.35
N VAL B 45 -2.80 -23.35 11.10
CA VAL B 45 -3.56 -24.21 11.99
C VAL B 45 -4.14 -25.35 11.18
N GLY B 46 -4.37 -26.46 11.87
CA GLY B 46 -5.21 -27.51 11.35
C GLY B 46 -4.54 -28.87 11.47
N ASP B 47 -5.37 -29.91 11.60
CA ASP B 47 -4.90 -31.28 11.74
C ASP B 47 -4.77 -31.97 10.39
N ARG B 48 -5.01 -31.25 9.29
CA ARG B 48 -4.80 -31.76 7.96
CA ARG B 48 -4.76 -31.77 7.96
C ARG B 48 -4.41 -30.61 7.04
N ASP B 49 -3.89 -30.95 5.86
CA ASP B 49 -3.60 -29.98 4.81
C ASP B 49 -4.92 -29.43 4.27
N VAL B 50 -4.87 -28.20 3.79
CA VAL B 50 -5.93 -27.68 2.93
C VAL B 50 -5.51 -27.95 1.48
N ILE B 51 -6.49 -28.07 0.58
CA ILE B 51 -6.25 -28.18 -0.84
CA ILE B 51 -6.29 -28.25 -0.85
C ILE B 51 -7.39 -27.48 -1.56
N SER B 52 -7.06 -26.70 -2.59
CA SER B 52 -8.09 -25.94 -3.30
C SER B 52 -8.90 -26.86 -4.22
N SER B 53 -10.24 -26.81 -4.07
CA SER B 53 -11.18 -27.47 -4.94
C SER B 53 -11.89 -26.44 -5.82
N GLN B 54 -12.69 -25.57 -5.22
CA GLN B 54 -13.52 -24.67 -6.02
C GLN B 54 -12.69 -23.75 -6.94
N TRP B 55 -11.74 -23.02 -6.35
CA TRP B 55 -10.95 -22.07 -7.11
C TRP B 55 -10.24 -22.74 -8.28
N VAL B 56 -9.50 -23.81 -7.96
CA VAL B 56 -8.70 -24.48 -8.99
C VAL B 56 -9.62 -25.11 -10.05
N THR B 57 -10.76 -25.69 -9.62
CA THR B 57 -11.70 -26.29 -10.57
C THR B 57 -12.14 -25.22 -11.57
N ALA B 58 -12.53 -24.05 -11.09
CA ALA B 58 -12.99 -22.99 -11.97
C ALA B 58 -11.87 -22.49 -12.90
N TYR B 59 -10.66 -22.32 -12.33
CA TYR B 59 -9.55 -21.79 -13.11
C TYR B 59 -9.16 -22.72 -14.24
N VAL B 60 -8.98 -24.02 -13.90
CA VAL B 60 -8.62 -25.00 -14.90
C VAL B 60 -9.77 -25.14 -15.91
N GLY B 61 -11.00 -25.20 -15.40
CA GLY B 61 -12.16 -25.34 -16.27
C GLY B 61 -12.27 -24.20 -17.28
N GLN B 62 -12.02 -22.98 -16.82
CA GLN B 62 -12.07 -21.84 -17.71
C GLN B 62 -11.05 -21.99 -18.83
N ALA B 63 -9.82 -22.38 -18.47
CA ALA B 63 -8.75 -22.49 -19.46
C ALA B 63 -9.10 -23.54 -20.50
N LEU B 64 -9.63 -24.68 -20.03
CA LEU B 64 -10.01 -25.76 -20.92
C LEU B 64 -11.21 -25.34 -21.75
N ALA B 65 -12.15 -24.59 -21.16
CA ALA B 65 -13.32 -24.17 -21.94
C ALA B 65 -12.88 -23.27 -23.08
N ARG B 66 -11.90 -22.41 -22.79
CA ARG B 66 -11.40 -21.50 -23.80
C ARG B 66 -10.92 -22.29 -25.02
N VAL B 67 -10.23 -23.42 -24.79
CA VAL B 67 -9.62 -24.19 -25.89
C VAL B 67 -10.53 -25.33 -26.35
N GLY B 68 -11.81 -25.33 -25.99
CA GLY B 68 -12.80 -26.28 -26.53
C GLY B 68 -12.46 -27.72 -26.17
N ALA B 69 -12.10 -27.95 -24.91
CA ALA B 69 -11.74 -29.27 -24.41
C ALA B 69 -12.95 -30.21 -24.39
N ASP B 70 -12.69 -31.48 -23.99
CA ASP B 70 -13.71 -32.50 -23.93
C ASP B 70 -14.95 -31.96 -23.23
N PRO B 71 -16.11 -31.92 -23.92
CA PRO B 71 -17.29 -31.27 -23.34
C PRO B 71 -17.82 -31.90 -22.04
N ALA B 72 -17.55 -33.20 -21.85
CA ALA B 72 -17.96 -33.86 -20.62
C ALA B 72 -17.07 -33.46 -19.45
N VAL B 73 -15.78 -33.26 -19.73
CA VAL B 73 -14.87 -32.78 -18.73
C VAL B 73 -15.40 -31.43 -18.24
N LEU B 74 -15.76 -30.58 -19.20
CA LEU B 74 -16.23 -29.24 -18.86
C LEU B 74 -17.54 -29.28 -18.10
N ARG B 75 -18.48 -30.10 -18.58
CA ARG B 75 -19.76 -30.25 -17.89
C ARG B 75 -19.55 -30.74 -16.47
N ARG B 76 -18.73 -31.79 -16.27
CA ARG B 76 -18.51 -32.32 -14.94
C ARG B 76 -18.01 -31.24 -13.99
N ALA B 77 -17.12 -30.37 -14.49
CA ALA B 77 -16.62 -29.27 -13.68
C ALA B 77 -17.69 -28.23 -13.36
N ARG B 78 -18.47 -27.82 -14.38
CA ARG B 78 -19.52 -26.84 -14.16
C ARG B 78 -20.54 -27.37 -13.13
N ASP B 79 -20.89 -28.65 -13.27
CA ASP B 79 -21.91 -29.24 -12.43
C ASP B 79 -21.39 -29.38 -11.01
N TRP B 80 -20.09 -29.73 -10.86
CA TRP B 80 -19.50 -29.84 -9.52
C TRP B 80 -19.56 -28.47 -8.84
N LEU B 81 -19.17 -27.42 -9.55
CA LEU B 81 -19.21 -26.09 -8.98
C LEU B 81 -20.62 -25.67 -8.56
N LYS B 82 -21.61 -25.95 -9.41
CA LYS B 82 -22.98 -25.56 -9.11
C LYS B 82 -23.48 -26.28 -7.86
N ALA B 83 -23.05 -27.52 -7.64
CA ALA B 83 -23.51 -28.33 -6.52
C ALA B 83 -22.63 -28.14 -5.28
N HIS B 84 -21.53 -27.38 -5.37
CA HIS B 84 -20.66 -27.18 -4.24
C HIS B 84 -20.32 -25.71 -4.08
N ALA B 85 -21.34 -24.85 -4.13
CA ALA B 85 -21.17 -23.45 -3.76
C ALA B 85 -21.22 -23.33 -2.23
N HIS B 86 -20.58 -22.30 -1.72
CA HIS B 86 -20.75 -21.92 -0.33
C HIS B 86 -22.22 -21.60 -0.07
N LYS B 87 -22.67 -21.80 1.17
CA LYS B 87 -24.05 -21.46 1.53
C LYS B 87 -24.33 -19.97 1.30
N GLU B 88 -23.32 -19.09 1.38
CA GLU B 88 -23.36 -17.82 0.67
C GLU B 88 -21.96 -17.25 0.40
N GLY B 89 -21.92 -16.21 -0.45
CA GLY B 89 -20.68 -15.58 -0.85
C GLY B 89 -20.05 -16.17 -2.10
N GLY B 90 -20.67 -17.22 -2.71
CA GLY B 90 -20.14 -17.79 -3.95
C GLY B 90 -19.28 -19.03 -3.72
N TRP B 91 -17.97 -18.91 -4.04
CA TRP B 91 -17.02 -20.03 -3.96
C TRP B 91 -15.72 -19.48 -3.36
N GLY B 92 -14.89 -20.38 -2.82
CA GLY B 92 -13.62 -19.98 -2.22
C GLY B 92 -12.50 -20.96 -2.57
N PHE B 93 -11.43 -20.94 -1.77
CA PHE B 93 -10.31 -21.83 -1.99
C PHE B 93 -10.80 -23.28 -1.94
N SER B 94 -11.60 -23.56 -0.91
CA SER B 94 -12.27 -24.83 -0.79
C SER B 94 -13.52 -24.64 0.06
N LEU B 95 -14.31 -25.70 0.20
CA LEU B 95 -15.46 -25.64 1.07
C LEU B 95 -15.05 -25.59 2.54
N ALA B 96 -13.77 -25.82 2.86
CA ALA B 96 -13.24 -25.70 4.22
C ALA B 96 -12.88 -24.26 4.58
N THR B 97 -12.89 -23.35 3.63
CA THR B 97 -12.48 -21.98 3.86
C THR B 97 -13.68 -21.07 3.61
N PRO B 98 -13.61 -19.77 3.93
CA PRO B 98 -14.64 -18.85 3.45
C PRO B 98 -14.61 -18.74 1.94
N ALA B 99 -15.70 -18.17 1.40
CA ALA B 99 -15.74 -17.79 0.01
C ALA B 99 -14.89 -16.56 -0.23
N ASP B 100 -14.52 -16.32 -1.50
CA ASP B 100 -13.72 -15.14 -1.80
C ASP B 100 -13.96 -14.68 -3.23
N ALA B 101 -13.58 -13.44 -3.49
CA ALA B 101 -13.80 -12.82 -4.79
C ALA B 101 -13.03 -13.49 -5.91
N ASP B 102 -11.83 -14.00 -5.64
CA ASP B 102 -10.97 -14.53 -6.69
CA ASP B 102 -11.00 -14.51 -6.69
C ASP B 102 -11.53 -15.84 -7.20
N SER B 103 -11.86 -16.74 -6.25
CA SER B 103 -12.45 -18.00 -6.60
CA SER B 103 -12.46 -18.01 -6.62
C SER B 103 -13.76 -17.77 -7.37
N THR B 104 -14.57 -16.82 -6.84
CA THR B 104 -15.86 -16.50 -7.44
C THR B 104 -15.67 -15.89 -8.84
N ALA B 105 -14.69 -15.00 -9.00
CA ALA B 105 -14.42 -14.43 -10.32
C ALA B 105 -14.07 -15.52 -11.34
N ASN B 106 -13.32 -16.53 -10.89
CA ASN B 106 -12.96 -17.65 -11.75
C ASN B 106 -14.18 -18.47 -12.14
N VAL B 107 -15.14 -18.62 -11.24
CA VAL B 107 -16.36 -19.34 -11.57
C VAL B 107 -17.12 -18.55 -12.64
N VAL B 108 -17.24 -17.24 -12.47
CA VAL B 108 -17.88 -16.41 -13.48
C VAL B 108 -17.16 -16.60 -14.82
N HIS B 109 -15.82 -16.58 -14.78
CA HIS B 109 -15.05 -16.68 -16.01
C HIS B 109 -15.35 -18.02 -16.72
N PHE B 110 -15.34 -19.09 -15.93
CA PHE B 110 -15.61 -20.40 -16.50
C PHE B 110 -17.01 -20.42 -17.11
N LEU B 111 -18.01 -19.99 -16.33
CA LEU B 111 -19.40 -20.05 -16.79
C LEU B 111 -19.67 -19.12 -17.97
N SER B 112 -18.84 -18.09 -18.19
CA SER B 112 -19.03 -17.16 -19.29
C SER B 112 -18.94 -17.84 -20.65
N HIS B 113 -18.38 -19.07 -20.67
CA HIS B 113 -18.21 -19.81 -21.92
C HIS B 113 -19.48 -20.56 -22.31
N THR B 114 -20.45 -20.64 -21.39
CA THR B 114 -21.65 -21.45 -21.58
C THR B 114 -22.86 -20.51 -21.56
N ARG B 115 -23.38 -20.20 -22.75
CA ARG B 115 -24.40 -19.18 -22.95
C ARG B 115 -25.52 -19.75 -23.79
N GLY B 116 -26.72 -19.17 -23.67
CA GLY B 116 -27.83 -19.53 -24.54
C GLY B 116 -29.02 -20.11 -23.78
N GLU B 117 -28.82 -21.27 -23.14
CA GLU B 117 -29.89 -21.95 -22.43
CA GLU B 117 -29.90 -21.93 -22.45
C GLU B 117 -30.27 -21.13 -21.20
N PRO B 118 -31.57 -20.86 -20.94
CA PRO B 118 -31.96 -20.12 -19.73
C PRO B 118 -31.30 -20.54 -18.41
N SER B 119 -31.14 -21.85 -18.18
CA SER B 119 -30.51 -22.29 -16.94
C SER B 119 -29.05 -21.83 -16.89
N ASP B 120 -28.37 -21.83 -18.04
CA ASP B 120 -26.98 -21.40 -18.08
C ASP B 120 -26.88 -19.90 -17.91
N GLU B 121 -27.82 -19.16 -18.48
CA GLU B 121 -27.85 -17.72 -18.30
C GLU B 121 -28.10 -17.37 -16.84
N ALA B 122 -29.03 -18.10 -16.20
CA ALA B 122 -29.31 -17.89 -14.79
C ALA B 122 -28.08 -18.19 -13.94
N ALA B 123 -27.42 -19.34 -14.15
CA ALA B 123 -26.25 -19.70 -13.36
C ALA B 123 -25.16 -18.66 -13.48
N LEU B 124 -24.94 -18.12 -14.69
CA LEU B 124 -23.93 -17.11 -14.92
C LEU B 124 -24.30 -15.80 -14.21
N ALA B 125 -25.57 -15.36 -14.33
CA ALA B 125 -25.99 -14.10 -13.74
C ALA B 125 -25.91 -14.21 -12.20
N GLU B 126 -26.24 -15.39 -11.67
CA GLU B 126 -26.13 -15.60 -10.23
C GLU B 126 -24.68 -15.52 -9.80
N ALA B 127 -23.77 -16.18 -10.54
CA ALA B 127 -22.34 -16.13 -10.19
C ALA B 127 -21.85 -14.69 -10.22
N CYS B 128 -22.29 -13.90 -11.19
CA CYS B 128 -21.94 -12.50 -11.26
C CYS B 128 -22.42 -11.75 -10.02
N ALA B 129 -23.66 -12.02 -9.59
CA ALA B 129 -24.17 -11.38 -8.38
C ALA B 129 -23.32 -11.74 -7.17
N ARG B 130 -22.86 -12.99 -7.06
CA ARG B 130 -22.01 -13.38 -5.95
C ARG B 130 -20.67 -12.63 -6.01
N LEU B 131 -20.12 -12.45 -7.20
CA LEU B 131 -18.90 -11.69 -7.35
C LEU B 131 -19.06 -10.27 -6.87
N LEU B 132 -20.22 -9.67 -7.18
CA LEU B 132 -20.44 -8.28 -6.81
C LEU B 132 -20.60 -8.08 -5.31
N HIS B 133 -20.82 -9.15 -4.53
CA HIS B 133 -20.77 -9.09 -3.08
C HIS B 133 -19.42 -8.52 -2.63
N TYR B 134 -18.36 -8.72 -3.42
CA TYR B 134 -17.01 -8.35 -3.07
C TYR B 134 -16.63 -6.98 -3.60
N TRP B 135 -17.54 -6.32 -4.30
CA TRP B 135 -17.35 -5.00 -4.86
C TRP B 135 -17.48 -3.95 -3.77
N ASP B 136 -16.51 -3.05 -3.70
CA ASP B 136 -16.57 -1.92 -2.79
C ASP B 136 -16.78 -0.67 -3.64
N GLU B 137 -18.00 -0.17 -3.63
CA GLU B 137 -18.40 1.00 -4.40
C GLU B 137 -17.67 2.26 -3.96
N THR B 138 -17.35 2.39 -2.66
CA THR B 138 -16.67 3.59 -2.19
C THR B 138 -15.24 3.64 -2.71
N GLU B 139 -14.56 2.49 -2.73
CA GLU B 139 -13.16 2.43 -3.14
C GLU B 139 -12.95 2.11 -4.62
N GLY B 140 -13.96 1.62 -5.34
CA GLY B 140 -13.77 1.31 -6.75
C GLY B 140 -13.00 0.05 -7.04
N GLY B 141 -13.03 -0.93 -6.15
CA GLY B 141 -12.40 -2.21 -6.43
C GLY B 141 -12.96 -3.34 -5.60
N PHE B 142 -12.38 -4.54 -5.81
CA PHE B 142 -12.84 -5.77 -5.18
C PHE B 142 -11.93 -6.14 -4.01
N ARG B 143 -12.56 -6.54 -2.90
CA ARG B 143 -11.89 -7.11 -1.75
C ARG B 143 -11.92 -8.63 -1.91
N THR B 144 -10.80 -9.29 -1.61
CA THR B 144 -10.80 -10.74 -1.74
C THR B 144 -11.76 -11.38 -0.76
N TYR B 145 -11.58 -11.04 0.53
CA TYR B 145 -12.43 -11.53 1.59
C TYR B 145 -13.26 -10.39 2.14
N ARG B 146 -14.50 -10.77 2.46
CA ARG B 146 -15.33 -9.95 3.29
C ARG B 146 -15.14 -10.39 4.72
N PRO B 147 -14.95 -9.42 5.64
CA PRO B 147 -14.66 -9.74 7.02
C PRO B 147 -15.83 -10.48 7.66
N ALA B 148 -15.51 -11.54 8.40
CA ALA B 148 -16.43 -12.09 9.39
C ALA B 148 -15.66 -12.28 10.71
N GLU B 149 -16.37 -12.52 11.82
CA GLU B 149 -15.72 -12.65 13.12
C GLU B 149 -15.03 -14.02 13.20
N GLN B 150 -13.88 -14.06 13.92
CA GLN B 150 -13.04 -15.26 14.01
C GLN B 150 -13.82 -16.57 14.20
N PRO B 151 -14.79 -16.67 15.15
CA PRO B 151 -15.52 -17.92 15.37
C PRO B 151 -16.03 -18.51 14.07
N SER B 152 -16.58 -17.66 13.19
CA SER B 152 -17.13 -18.12 11.91
C SER B 152 -16.04 -18.58 10.94
N LEU B 153 -14.80 -18.09 11.11
CA LEU B 153 -13.66 -18.52 10.29
C LEU B 153 -13.11 -19.80 10.93
N ASP B 154 -11.81 -20.11 10.72
CA ASP B 154 -11.17 -21.24 11.39
C ASP B 154 -9.68 -21.07 11.37
N GLY B 155 -9.18 -20.09 12.15
CA GLY B 155 -7.81 -19.63 12.01
C GLY B 155 -7.62 -18.93 10.67
N TRP B 156 -8.60 -19.12 9.74
CA TRP B 156 -8.51 -18.38 8.50
C TRP B 156 -8.58 -16.90 8.81
N ALA B 157 -7.76 -16.10 8.12
CA ALA B 157 -7.49 -14.74 8.58
C ALA B 157 -8.29 -13.72 7.78
N SER B 158 -9.57 -14.00 7.55
CA SER B 158 -10.50 -13.06 6.91
C SER B 158 -11.38 -12.36 7.94
N TYR B 159 -10.75 -11.88 9.02
CA TYR B 159 -11.49 -11.17 10.07
C TYR B 159 -11.35 -9.66 9.88
N PRO B 160 -12.17 -8.81 10.54
CA PRO B 160 -12.04 -7.37 10.41
C PRO B 160 -10.67 -6.99 10.97
N GLY B 161 -9.93 -6.22 10.21
CA GLY B 161 -8.57 -5.90 10.61
C GLY B 161 -7.51 -6.62 9.78
N SER B 162 -7.91 -7.71 9.11
CA SER B 162 -6.99 -8.43 8.24
C SER B 162 -6.87 -7.78 6.87
N SER B 163 -5.62 -7.63 6.42
CA SER B 163 -5.35 -7.17 5.05
C SER B 163 -5.89 -8.14 4.01
N TRP B 164 -6.26 -9.36 4.41
CA TRP B 164 -6.94 -10.28 3.51
C TRP B 164 -8.26 -9.70 3.01
N CYS B 165 -8.78 -8.67 3.70
CA CYS B 165 -10.08 -8.08 3.38
C CYS B 165 -9.91 -6.72 2.73
N ASP B 166 -8.66 -6.33 2.37
CA ASP B 166 -8.47 -5.04 1.72
C ASP B 166 -8.94 -5.14 0.24
N VAL B 167 -9.15 -3.99 -0.40
CA VAL B 167 -9.26 -3.97 -1.86
C VAL B 167 -7.91 -4.40 -2.45
N HIS B 168 -7.96 -5.38 -3.38
CA HIS B 168 -6.74 -5.95 -3.96
C HIS B 168 -6.71 -5.69 -5.47
N LEU B 169 -5.55 -5.22 -5.96
CA LEU B 169 -5.41 -4.88 -7.37
CA LEU B 169 -5.36 -4.88 -7.36
C LEU B 169 -5.42 -6.12 -8.24
N CYS B 170 -4.78 -7.20 -7.76
CA CYS B 170 -4.73 -8.44 -8.52
C CYS B 170 -6.13 -8.97 -8.81
N VAL B 171 -6.93 -9.09 -7.74
CA VAL B 171 -8.25 -9.66 -7.90
CA VAL B 171 -8.27 -9.63 -7.85
C VAL B 171 -9.13 -8.69 -8.68
N SER B 172 -8.96 -7.39 -8.47
CA SER B 172 -9.77 -6.40 -9.15
C SER B 172 -9.55 -6.44 -10.65
N ALA B 173 -8.29 -6.59 -11.07
CA ALA B 173 -7.99 -6.67 -12.48
C ALA B 173 -8.63 -7.89 -13.11
N LEU B 174 -8.49 -9.07 -12.47
CA LEU B 174 -9.10 -10.26 -13.01
C LEU B 174 -10.62 -10.10 -13.04
N ALA B 175 -11.22 -9.68 -11.93
CA ALA B 175 -12.66 -9.56 -11.85
C ALA B 175 -13.19 -8.60 -12.95
N GLY B 176 -12.47 -7.51 -13.17
CA GLY B 176 -12.85 -6.58 -14.22
C GLY B 176 -12.87 -7.24 -15.61
N ARG B 177 -11.80 -7.98 -15.94
CA ARG B 177 -11.74 -8.55 -17.28
CA ARG B 177 -11.76 -8.53 -17.29
C ARG B 177 -12.80 -9.66 -17.41
N VAL B 178 -13.11 -10.35 -16.30
CA VAL B 178 -14.09 -11.40 -16.33
C VAL B 178 -15.49 -10.81 -16.58
N LEU B 179 -15.81 -9.73 -15.89
CA LEU B 179 -17.10 -9.09 -16.11
C LEU B 179 -17.21 -8.53 -17.54
N HIS B 180 -16.09 -8.09 -18.12
N HIS B 180 -16.08 -8.12 -18.14
CA HIS B 180 -16.05 -7.74 -19.53
CA HIS B 180 -16.10 -7.68 -19.52
C HIS B 180 -16.52 -8.87 -20.43
C HIS B 180 -16.49 -8.84 -20.43
N ALA B 181 -16.00 -10.08 -20.14
CA ALA B 181 -16.34 -11.26 -20.91
C ALA B 181 -17.85 -11.54 -20.89
N VAL B 182 -18.48 -11.29 -19.74
CA VAL B 182 -19.90 -11.57 -19.59
C VAL B 182 -20.73 -10.59 -20.43
N GLY B 183 -20.32 -9.32 -20.44
CA GLY B 183 -20.88 -8.31 -21.31
C GLY B 183 -22.30 -7.85 -20.99
N ALA B 184 -22.68 -7.90 -19.72
CA ALA B 184 -23.97 -7.38 -19.30
C ALA B 184 -23.87 -5.88 -19.07
N PRO B 185 -24.67 -5.02 -19.74
CA PRO B 185 -24.65 -3.59 -19.47
C PRO B 185 -24.80 -3.17 -18.01
N ARG B 186 -25.52 -3.99 -17.22
CA ARG B 186 -25.69 -3.70 -15.78
C ARG B 186 -24.33 -3.47 -15.10
N HIS B 187 -23.25 -4.07 -15.62
CA HIS B 187 -21.94 -3.97 -14.99
C HIS B 187 -21.09 -2.79 -15.46
N ARG B 188 -21.58 -1.97 -16.38
CA ARG B 188 -20.74 -0.91 -16.94
C ARG B 188 -20.25 0.06 -15.87
N PRO B 189 -21.11 0.49 -14.91
CA PRO B 189 -20.63 1.41 -13.87
C PRO B 189 -19.54 0.82 -12.97
N VAL B 190 -19.64 -0.46 -12.65
CA VAL B 190 -18.58 -1.13 -11.90
C VAL B 190 -17.32 -1.20 -12.74
N LEU B 191 -17.45 -1.61 -14.03
CA LEU B 191 -16.27 -1.74 -14.89
C LEU B 191 -15.51 -0.43 -15.07
N GLU B 192 -16.23 0.69 -15.18
CA GLU B 192 -15.59 1.98 -15.36
CA GLU B 192 -15.60 1.99 -15.36
C GLU B 192 -14.78 2.35 -14.12
N ALA B 193 -15.37 2.16 -12.92
CA ALA B 193 -14.69 2.47 -11.66
C ALA B 193 -13.52 1.53 -11.47
N CYS B 194 -13.75 0.25 -11.81
CA CYS B 194 -12.74 -0.77 -11.62
C CYS B 194 -11.49 -0.47 -12.45
N ALA B 195 -11.72 -0.12 -13.71
CA ALA B 195 -10.64 0.20 -14.62
C ALA B 195 -9.93 1.46 -14.18
N HIS B 196 -10.69 2.47 -13.72
CA HIS B 196 -10.08 3.71 -13.26
C HIS B 196 -9.08 3.46 -12.13
N ARG B 197 -9.49 2.68 -11.13
CA ARG B 197 -8.60 2.41 -10.01
C ARG B 197 -7.36 1.61 -10.45
N VAL B 198 -7.55 0.65 -11.36
CA VAL B 198 -6.42 -0.09 -11.90
C VAL B 198 -5.47 0.83 -12.67
N ARG B 199 -6.04 1.70 -13.51
CA ARG B 199 -5.24 2.61 -14.32
CA ARG B 199 -5.24 2.61 -14.33
C ARG B 199 -4.37 3.50 -13.41
N GLN B 200 -4.97 3.99 -12.34
CA GLN B 200 -4.27 4.92 -11.45
C GLN B 200 -3.06 4.27 -10.77
N ARG B 201 -3.05 2.94 -10.62
CA ARG B 201 -2.05 2.30 -9.79
C ARG B 201 -0.97 1.54 -10.55
N GLN B 202 -0.93 1.72 -11.86
CA GLN B 202 0.17 1.21 -12.64
C GLN B 202 1.48 1.87 -12.19
N SER B 203 2.54 1.07 -12.00
CA SER B 203 3.86 1.62 -11.80
C SER B 203 4.26 2.49 -12.98
N PRO B 204 5.05 3.56 -12.78
CA PRO B 204 5.67 4.26 -13.92
C PRO B 204 6.47 3.37 -14.86
N GLU B 205 7.02 2.28 -14.32
CA GLU B 205 7.80 1.35 -15.12
C GLU B 205 6.93 0.49 -16.01
N GLY B 206 5.65 0.32 -15.65
CA GLY B 206 4.70 -0.31 -16.55
C GLY B 206 4.00 -1.55 -15.98
N PHE B 207 4.52 -2.12 -14.90
CA PHE B 207 3.93 -3.27 -14.24
C PHE B 207 2.94 -2.81 -13.17
N TRP B 208 2.17 -3.78 -12.67
CA TRP B 208 1.37 -3.61 -11.46
C TRP B 208 1.84 -4.62 -10.41
N ASP B 209 1.79 -4.19 -9.14
CA ASP B 209 2.00 -5.11 -8.03
C ASP B 209 0.74 -5.92 -7.77
N ALA B 210 0.90 -6.96 -6.94
CA ALA B 210 -0.21 -7.83 -6.53
C ALA B 210 -0.19 -7.97 -5.01
N TYR B 211 -1.33 -8.30 -4.40
CA TYR B 211 -1.39 -8.62 -3.00
C TYR B 211 -1.03 -10.10 -2.82
N TRP B 212 -1.69 -11.00 -3.57
CA TRP B 212 -1.56 -12.44 -3.32
C TRP B 212 -0.47 -13.11 -4.17
N TRP B 213 0.16 -12.40 -5.09
CA TRP B 213 1.00 -13.03 -6.12
C TRP B 213 2.43 -12.53 -5.92
N HIS B 214 3.35 -13.50 -5.83
CA HIS B 214 4.76 -13.23 -5.53
C HIS B 214 5.44 -12.81 -6.83
N GLY B 215 5.08 -11.63 -7.33
CA GLY B 215 5.70 -11.14 -8.52
C GLY B 215 4.93 -9.96 -9.12
N ARG B 216 5.48 -9.51 -10.26
CA ARG B 216 5.00 -8.38 -11.01
C ARG B 216 4.31 -8.80 -12.31
N THR B 217 4.20 -10.11 -12.60
CA THR B 217 3.67 -10.59 -13.85
C THR B 217 2.15 -10.77 -13.83
N TYR B 218 1.59 -11.12 -12.66
CA TYR B 218 0.19 -11.52 -12.60
C TYR B 218 -0.72 -10.33 -12.78
N THR B 219 -0.65 -9.34 -11.90
CA THR B 219 -1.58 -8.23 -12.07
C THR B 219 -1.41 -7.55 -13.43
N THR B 220 -0.14 -7.40 -13.87
CA THR B 220 0.14 -6.78 -15.16
C THR B 220 -0.65 -7.44 -16.29
N ARG B 221 -0.69 -8.76 -16.35
CA ARG B 221 -1.37 -9.47 -17.40
C ARG B 221 -2.87 -9.15 -17.39
N HIS B 222 -3.49 -9.17 -16.20
CA HIS B 222 -4.95 -8.97 -16.13
C HIS B 222 -5.27 -7.48 -16.33
N ALA B 223 -4.50 -6.60 -15.69
CA ALA B 223 -4.76 -5.16 -15.76
C ALA B 223 -4.62 -4.65 -17.18
N ALA B 224 -3.57 -5.13 -17.90
CA ALA B 224 -3.38 -4.67 -19.27
C ALA B 224 -4.57 -5.01 -20.17
N GLU B 225 -5.07 -6.24 -20.06
CA GLU B 225 -6.23 -6.63 -20.83
C GLU B 225 -7.49 -5.85 -20.44
N LEU B 226 -7.68 -5.63 -19.13
CA LEU B 226 -8.86 -4.88 -18.71
C LEU B 226 -8.82 -3.49 -19.33
N LEU B 227 -7.66 -2.84 -19.31
CA LEU B 227 -7.62 -1.45 -19.81
C LEU B 227 -7.78 -1.42 -21.33
N GLN B 228 -7.27 -2.43 -22.02
CA GLN B 228 -7.46 -2.49 -23.46
C GLN B 228 -8.95 -2.65 -23.77
N LEU B 229 -9.62 -3.53 -23.02
CA LEU B 229 -11.05 -3.79 -23.21
C LEU B 229 -11.87 -2.52 -22.99
N GLU B 230 -11.40 -1.71 -22.05
CA GLU B 230 -12.05 -0.46 -21.70
C GLU B 230 -11.70 0.68 -22.64
N GLY B 231 -10.78 0.48 -23.58
CA GLY B 231 -10.43 1.50 -24.53
C GLY B 231 -9.55 2.61 -23.97
N ASP B 232 -8.66 2.25 -23.05
CA ASP B 232 -7.70 3.19 -22.47
C ASP B 232 -6.93 3.96 -23.53
N THR B 233 -6.87 5.28 -23.36
CA THR B 233 -6.13 6.16 -24.26
C THR B 233 -4.95 6.81 -23.54
N SER B 234 -4.48 6.24 -22.44
CA SER B 234 -3.46 6.88 -21.62
C SER B 234 -2.10 6.22 -21.81
N GLY B 235 -2.00 5.23 -22.69
CA GLY B 235 -0.73 4.55 -22.98
C GLY B 235 -0.42 3.40 -22.03
N ALA B 236 -1.37 3.04 -21.16
CA ALA B 236 -1.10 2.03 -20.15
C ALA B 236 -0.70 0.68 -20.77
N VAL B 237 -1.42 0.23 -21.79
CA VAL B 237 -1.14 -1.07 -22.39
C VAL B 237 0.24 -1.04 -23.05
N ALA B 238 0.55 0.02 -23.79
CA ALA B 238 1.87 0.11 -24.43
C ALA B 238 3.00 0.11 -23.38
N ARG B 239 2.79 0.78 -22.23
CA ARG B 239 3.84 0.80 -21.21
C ARG B 239 4.00 -0.60 -20.61
N ALA B 240 2.89 -1.29 -20.39
CA ALA B 240 2.95 -2.66 -19.87
C ALA B 240 3.66 -3.60 -20.85
N VAL B 241 3.37 -3.46 -22.12
CA VAL B 241 4.01 -4.28 -23.13
C VAL B 241 5.52 -4.00 -23.20
N ARG B 242 5.89 -2.73 -23.22
CA ARG B 242 7.30 -2.38 -23.23
C ARG B 242 8.04 -2.95 -22.02
N TRP B 243 7.43 -2.82 -20.83
CA TRP B 243 8.02 -3.35 -19.63
C TRP B 243 8.22 -4.86 -19.78
N THR B 244 7.20 -5.52 -20.33
CA THR B 244 7.28 -6.97 -20.55
C THR B 244 8.45 -7.29 -21.49
N LEU B 245 8.54 -6.60 -22.60
CA LEU B 245 9.68 -6.81 -23.49
C LEU B 245 11.00 -6.61 -22.76
N ASP B 246 11.09 -5.51 -21.96
CA ASP B 246 12.35 -5.18 -21.29
C ASP B 246 12.72 -6.17 -20.19
N THR B 247 11.76 -6.99 -19.71
CA THR B 247 12.04 -7.90 -18.60
C THR B 247 12.18 -9.35 -19.08
N GLN B 248 12.07 -9.62 -20.38
CA GLN B 248 12.27 -10.98 -20.84
C GLN B 248 13.67 -11.46 -20.48
N ARG B 249 13.81 -12.71 -20.02
CA ARG B 249 15.13 -13.23 -19.68
C ARG B 249 15.79 -13.82 -20.93
N GLU B 250 17.09 -14.02 -20.84
CA GLU B 250 17.84 -14.38 -22.04
C GLU B 250 17.51 -15.78 -22.54
N ASP B 251 16.98 -16.64 -21.66
CA ASP B 251 16.57 -17.97 -22.08
C ASP B 251 15.25 -17.96 -22.86
N GLY B 252 14.61 -16.78 -22.94
CA GLY B 252 13.36 -16.62 -23.66
C GLY B 252 12.14 -16.60 -22.73
N GLY B 253 12.32 -17.07 -21.50
CA GLY B 253 11.26 -17.08 -20.53
C GLY B 253 11.18 -15.76 -19.77
N TRP B 254 10.20 -15.66 -18.87
CA TRP B 254 10.15 -14.63 -17.86
C TRP B 254 10.12 -15.27 -16.47
N GLY B 255 10.68 -14.56 -15.51
CA GLY B 255 10.45 -14.88 -14.10
C GLY B 255 9.50 -13.88 -13.46
N ASN B 256 9.51 -13.88 -12.13
CA ASN B 256 8.48 -13.19 -11.37
C ASN B 256 8.69 -11.68 -11.35
N GLY B 257 9.88 -11.23 -11.76
CA GLY B 257 10.19 -9.81 -11.78
C GLY B 257 10.62 -9.26 -10.42
N ILE B 258 10.81 -10.12 -9.41
CA ILE B 258 11.33 -9.73 -8.11
C ILE B 258 12.50 -10.64 -7.75
N GLY B 259 13.19 -11.12 -8.81
CA GLY B 259 14.47 -11.80 -8.65
C GLY B 259 14.43 -13.29 -9.01
N GLY B 260 13.25 -13.82 -9.35
CA GLY B 260 13.15 -15.23 -9.72
C GLY B 260 13.62 -15.51 -11.14
N ALA B 261 14.07 -16.77 -11.36
CA ALA B 261 14.39 -17.27 -12.70
C ALA B 261 13.13 -17.57 -13.54
N SER B 262 13.32 -17.90 -14.81
CA SER B 262 12.19 -18.15 -15.70
C SER B 262 11.31 -19.28 -15.17
N THR B 263 9.99 -19.07 -15.20
CA THR B 263 9.00 -20.10 -14.96
C THR B 263 7.94 -20.12 -16.06
N ALA B 264 7.28 -21.28 -16.19
CA ALA B 264 6.18 -21.44 -17.14
C ALA B 264 5.02 -20.47 -16.84
N PHE B 265 4.68 -20.35 -15.55
CA PHE B 265 3.61 -19.44 -15.15
C PHE B 265 3.91 -18.01 -15.56
N ASP B 266 5.10 -17.50 -15.18
CA ASP B 266 5.44 -16.11 -15.48
C ASP B 266 5.56 -15.90 -17.01
N THR B 267 6.09 -16.90 -17.70
CA THR B 267 6.27 -16.83 -19.17
C THR B 267 4.91 -16.73 -19.86
N ALA B 268 3.96 -17.55 -19.38
CA ALA B 268 2.60 -17.56 -19.91
C ALA B 268 2.00 -16.18 -19.70
N LEU B 269 2.12 -15.65 -18.47
CA LEU B 269 1.51 -14.36 -18.21
C LEU B 269 2.10 -13.29 -19.08
N ALA B 270 3.43 -13.30 -19.24
CA ALA B 270 4.09 -12.32 -20.06
C ALA B 270 3.65 -12.41 -21.52
N LEU B 271 3.58 -13.64 -22.05
CA LEU B 271 3.12 -13.82 -23.43
C LEU B 271 1.70 -13.30 -23.61
N ALA B 272 0.82 -13.58 -22.64
CA ALA B 272 -0.55 -13.11 -22.71
C ALA B 272 -0.61 -11.58 -22.72
N THR B 273 0.34 -10.97 -22.02
CA THR B 273 0.42 -9.51 -21.99
C THR B 273 0.87 -8.98 -23.35
N LEU B 274 1.99 -9.54 -23.87
CA LEU B 274 2.51 -9.10 -25.16
C LEU B 274 1.51 -9.26 -26.29
N ARG B 275 0.71 -10.34 -26.23
CA ARG B 275 -0.21 -10.65 -27.32
C ARG B 275 -1.28 -9.58 -27.43
N LEU B 276 -1.46 -8.75 -26.39
CA LEU B 276 -2.41 -7.63 -26.48
C LEU B 276 -2.00 -6.60 -27.52
N ASP B 277 -0.70 -6.39 -27.72
CA ASP B 277 -0.26 -5.30 -28.58
C ASP B 277 1.20 -5.52 -28.88
N PRO B 278 1.57 -6.56 -29.67
CA PRO B 278 2.98 -6.91 -29.82
C PRO B 278 3.72 -6.05 -30.83
N GLY B 279 2.96 -5.29 -31.66
CA GLY B 279 3.55 -4.44 -32.66
C GLY B 279 4.52 -5.28 -33.48
N PRO B 280 5.75 -4.78 -33.73
CA PRO B 280 6.73 -5.54 -34.51
C PRO B 280 7.60 -6.46 -33.68
N SER B 281 7.25 -6.66 -32.40
CA SER B 281 8.12 -7.34 -31.44
C SER B 281 7.80 -8.82 -31.30
N GLY B 282 7.28 -9.42 -32.38
CA GLY B 282 6.99 -10.84 -32.45
C GLY B 282 8.15 -11.75 -32.08
N ALA B 283 9.41 -11.30 -32.17
CA ALA B 283 10.50 -12.18 -31.77
C ALA B 283 10.39 -12.55 -30.28
N ALA B 284 9.88 -11.63 -29.46
CA ALA B 284 9.71 -11.90 -28.04
C ALA B 284 8.69 -13.01 -27.79
N LEU B 285 7.58 -12.98 -28.54
CA LEU B 285 6.57 -14.04 -28.50
C LEU B 285 7.19 -15.36 -28.93
N ARG B 286 7.96 -15.34 -30.03
CA ARG B 286 8.57 -16.56 -30.53
C ARG B 286 9.49 -17.18 -29.48
N SER B 287 10.35 -16.36 -28.88
CA SER B 287 11.33 -16.88 -27.91
C SER B 287 10.62 -17.41 -26.65
N GLY B 288 9.56 -16.73 -26.20
CA GLY B 288 8.81 -17.25 -25.07
C GLY B 288 8.11 -18.58 -25.37
N LEU B 289 7.50 -18.68 -26.57
CA LEU B 289 6.87 -19.93 -26.98
C LEU B 289 7.92 -21.04 -27.06
N GLN B 290 9.10 -20.73 -27.60
CA GLN B 290 10.15 -21.74 -27.66
C GLN B 290 10.55 -22.23 -26.27
N TRP B 291 10.63 -21.31 -25.32
CA TRP B 291 10.93 -21.68 -23.94
C TRP B 291 9.89 -22.66 -23.40
N LEU B 292 8.61 -22.37 -23.62
CA LEU B 292 7.55 -23.28 -23.18
C LEU B 292 7.61 -24.64 -23.89
N VAL B 293 7.84 -24.63 -25.20
CA VAL B 293 7.91 -25.88 -25.94
C VAL B 293 9.08 -26.73 -25.40
N ARG B 294 10.22 -26.08 -25.17
CA ARG B 294 11.46 -26.78 -24.79
C ARG B 294 11.32 -27.40 -23.39
N THR B 295 10.59 -26.73 -22.48
CA THR B 295 10.56 -27.11 -21.07
C THR B 295 9.35 -27.97 -20.72
N GLN B 296 8.42 -28.15 -21.63
CA GLN B 296 7.24 -28.96 -21.37
C GLN B 296 7.68 -30.35 -20.91
N ARG B 297 7.01 -30.83 -19.89
CA ARG B 297 7.29 -32.15 -19.34
C ARG B 297 6.77 -33.24 -20.29
N PRO B 298 7.29 -34.47 -20.19
CA PRO B 298 6.84 -35.56 -21.05
C PRO B 298 5.34 -35.77 -21.06
N GLU B 299 4.72 -35.68 -19.86
CA GLU B 299 3.32 -35.93 -19.70
C GLU B 299 2.47 -34.74 -20.16
N GLY B 300 3.08 -33.59 -20.45
CA GLY B 300 2.35 -32.51 -21.10
C GLY B 300 2.13 -31.27 -20.27
N ASP B 301 2.45 -31.34 -18.97
CA ASP B 301 2.38 -30.18 -18.08
C ASP B 301 3.73 -29.47 -17.98
N TRP B 302 3.78 -28.39 -17.14
CA TRP B 302 5.01 -27.64 -16.87
C TRP B 302 5.31 -27.62 -15.38
N ASP B 303 6.61 -27.50 -15.03
CA ASP B 303 7.00 -27.42 -13.64
C ASP B 303 6.44 -26.15 -13.02
N SER B 304 6.01 -26.29 -11.77
CA SER B 304 5.53 -25.16 -11.01
C SER B 304 6.64 -24.55 -10.18
N ALA B 305 6.34 -23.37 -9.64
CA ALA B 305 7.25 -22.58 -8.85
C ALA B 305 6.44 -21.86 -7.77
N PRO B 306 7.10 -21.22 -6.79
CA PRO B 306 6.38 -20.49 -5.75
C PRO B 306 5.76 -19.22 -6.31
N LEU B 307 4.43 -19.22 -6.42
CA LEU B 307 3.76 -18.17 -7.14
C LEU B 307 2.78 -17.37 -6.29
N MET B 308 2.22 -17.99 -5.24
CA MET B 308 1.12 -17.38 -4.53
C MET B 308 1.50 -17.22 -3.06
N ARG B 309 1.40 -15.98 -2.59
CA ARG B 309 1.82 -15.66 -1.24
C ARG B 309 0.64 -15.25 -0.37
N MET B 310 0.67 -15.71 0.88
CA MET B 310 -0.28 -15.33 1.90
CA MET B 310 -0.28 -15.34 1.91
C MET B 310 0.42 -14.41 2.89
N PRO B 311 0.21 -13.07 2.78
CA PRO B 311 0.79 -12.14 3.74
C PRO B 311 0.21 -12.31 5.14
N ARG B 312 0.97 -11.90 6.15
CA ARG B 312 0.38 -11.74 7.46
C ARG B 312 -0.76 -10.74 7.41
N PRO B 313 -1.84 -10.95 8.20
CA PRO B 313 -3.00 -10.06 8.20
C PRO B 313 -2.67 -8.61 8.57
N GLY B 314 -1.59 -8.41 9.32
CA GLY B 314 -1.16 -7.08 9.74
C GLY B 314 -0.39 -6.31 8.67
N GLU B 315 -0.03 -6.99 7.55
CA GLU B 315 0.72 -6.39 6.46
C GLU B 315 -0.22 -5.95 5.35
N HIS B 316 -0.28 -4.65 5.09
CA HIS B 316 -1.19 -4.09 4.10
C HIS B 316 -0.47 -3.71 2.80
N ALA B 317 0.86 -3.85 2.71
CA ALA B 317 1.58 -3.56 1.46
C ALA B 317 2.64 -4.64 1.26
N PRO B 318 2.27 -5.92 1.07
CA PRO B 318 3.27 -7.01 1.00
C PRO B 318 4.29 -6.82 -0.14
N TRP B 319 3.94 -6.05 -1.18
CA TRP B 319 4.83 -5.79 -2.31
C TRP B 319 6.02 -4.92 -1.89
N GLU B 320 5.90 -4.22 -0.74
CA GLU B 320 6.98 -3.42 -0.19
C GLU B 320 7.99 -4.29 0.55
N ASP B 321 7.64 -5.54 0.87
CA ASP B 321 8.48 -6.39 1.70
C ASP B 321 8.16 -7.84 1.38
N PRO B 322 8.39 -8.27 0.12
CA PRO B 322 7.88 -9.55 -0.33
C PRO B 322 8.45 -10.74 0.41
N GLN B 323 9.69 -10.68 0.87
CA GLN B 323 10.28 -11.79 1.62
C GLN B 323 9.94 -11.70 3.10
N GLY B 324 9.64 -10.51 3.62
CA GLY B 324 9.46 -10.32 5.05
C GLY B 324 8.01 -10.36 5.53
N CYS B 325 7.05 -10.37 4.60
CA CYS B 325 5.63 -10.19 4.89
C CYS B 325 4.88 -11.48 5.12
N LEU B 326 5.52 -12.64 5.04
CA LEU B 326 4.79 -13.87 4.74
C LEU B 326 4.24 -14.53 6.02
N LEU B 327 2.98 -14.98 5.97
CA LEU B 327 2.42 -15.77 7.06
C LEU B 327 3.02 -17.16 7.04
N LEU B 328 3.38 -17.59 5.84
CA LEU B 328 3.92 -18.92 5.65
C LEU B 328 4.60 -18.90 4.29
N PRO B 329 5.49 -19.87 3.96
CA PRO B 329 6.24 -19.86 2.70
C PRO B 329 5.35 -19.70 1.48
N VAL B 330 5.90 -19.01 0.47
CA VAL B 330 5.21 -18.82 -0.79
C VAL B 330 4.80 -20.20 -1.33
N LEU B 331 3.54 -20.29 -1.77
CA LEU B 331 2.93 -21.53 -2.17
C LEU B 331 3.19 -21.82 -3.64
N THR B 332 3.42 -23.11 -3.90
CA THR B 332 3.57 -23.66 -5.25
C THR B 332 2.29 -24.46 -5.54
N ASP B 333 1.86 -24.52 -6.81
CA ASP B 333 0.84 -25.47 -7.21
C ASP B 333 1.53 -26.78 -7.49
N ARG B 334 1.64 -27.62 -6.46
CA ARG B 334 2.46 -28.81 -6.53
CA ARG B 334 2.44 -28.83 -6.50
C ARG B 334 1.95 -29.81 -7.57
N ASN B 335 0.66 -29.77 -7.95
CA ASN B 335 0.17 -30.67 -8.99
C ASN B 335 0.33 -30.07 -10.38
N ARG B 336 0.85 -28.84 -10.45
CA ARG B 336 1.18 -28.18 -11.72
C ARG B 336 -0.06 -27.78 -12.53
N LEU B 337 -1.26 -27.95 -11.99
CA LEU B 337 -2.46 -27.67 -12.75
C LEU B 337 -2.67 -26.17 -12.94
N PHE B 338 -2.39 -25.37 -11.91
CA PHE B 338 -2.63 -23.94 -12.04
C PHE B 338 -1.65 -23.37 -13.07
N THR B 339 -0.38 -23.71 -12.92
CA THR B 339 0.65 -23.33 -13.87
C THR B 339 0.23 -23.76 -15.29
N THR B 340 -0.13 -25.03 -15.45
CA THR B 340 -0.37 -25.55 -16.79
C THR B 340 -1.61 -24.91 -17.42
N ALA B 341 -2.65 -24.65 -16.64
CA ALA B 341 -3.83 -23.95 -17.15
C ALA B 341 -3.49 -22.54 -17.58
N THR B 342 -2.54 -21.90 -16.87
CA THR B 342 -2.11 -20.58 -17.28
C THR B 342 -1.41 -20.65 -18.64
N VAL B 343 -0.57 -21.68 -18.83
CA VAL B 343 0.18 -21.84 -20.08
C VAL B 343 -0.81 -22.11 -21.22
N VAL B 344 -1.78 -23.00 -21.01
CA VAL B 344 -2.74 -23.38 -22.05
C VAL B 344 -3.36 -22.12 -22.64
N SER B 345 -3.77 -21.21 -21.75
CA SER B 345 -4.41 -19.98 -22.18
C SER B 345 -3.48 -19.15 -23.04
N ALA B 346 -2.21 -19.04 -22.62
CA ALA B 346 -1.24 -18.22 -23.34
C ALA B 346 -0.94 -18.80 -24.72
N LEU B 347 -0.81 -20.13 -24.81
CA LEU B 347 -0.55 -20.74 -26.09
C LEU B 347 -1.70 -20.44 -27.06
N ALA B 348 -2.92 -20.60 -26.57
CA ALA B 348 -4.08 -20.33 -27.39
C ALA B 348 -4.12 -18.86 -27.81
N ASP B 349 -3.75 -17.97 -26.88
CA ASP B 349 -3.71 -16.56 -27.20
C ASP B 349 -2.78 -16.31 -28.39
N CYS B 350 -1.63 -16.99 -28.36
CA CYS B 350 -0.60 -16.77 -29.36
C CYS B 350 -0.99 -17.40 -30.70
N LEU B 351 -1.78 -18.47 -30.70
CA LEU B 351 -2.23 -19.13 -31.92
C LEU B 351 -3.34 -18.34 -32.58
N GLU B 352 -4.15 -17.61 -31.81
CA GLU B 352 -5.18 -16.69 -32.34
CA GLU B 352 -5.18 -16.76 -32.43
C GLU B 352 -4.54 -15.49 -33.02
N GLY B 353 -3.34 -15.17 -32.54
CA GLY B 353 -2.61 -14.05 -33.12
C GLY B 353 -3.44 -12.77 -33.09
N PRO B 354 -3.59 -12.07 -34.24
CA PRO B 354 -4.00 -10.66 -34.23
C PRO B 354 -5.52 -10.47 -34.27
C ACT C . -2.74 12.36 13.13
O ACT C . -1.85 12.98 13.82
OXT ACT C . -3.81 11.85 13.59
CH3 ACT C . -2.39 12.04 11.71
H1 ACT C . -1.56 12.48 11.47
H2 ACT C . -3.11 12.34 11.13
H3 ACT C . -2.28 11.08 11.62
C1 EDO D . 17.60 11.95 33.79
O1 EDO D . 17.72 10.54 33.65
C2 EDO D . 18.85 12.67 33.47
O2 EDO D . 18.80 14.06 33.73
H11 EDO D . 17.33 12.16 34.71
H12 EDO D . 16.89 12.28 33.18
H21 EDO D . 19.06 12.53 32.52
H22 EDO D . 19.58 12.28 34.00
HO2 EDO D . 18.13 14.40 33.33
C1 EDO E . 24.02 27.85 7.79
O1 EDO E . 24.09 27.22 6.52
C2 EDO E . 23.82 29.31 7.68
O2 EDO E . 24.28 29.98 8.82
H11 EDO E . 24.86 27.68 8.28
H12 EDO E . 23.29 27.46 8.30
H21 EDO E . 22.85 29.49 7.57
H22 EDO E . 24.28 29.65 6.89
HO2 EDO E . 23.81 29.76 9.49
C1 MPD F . -6.43 -16.69 -0.30
C2 MPD F . -6.86 -17.17 -1.70
O2 MPD F . -8.15 -16.60 -1.97
CM MPD F . -6.95 -18.69 -1.68
C3 MPD F . -5.91 -16.62 -2.78
C4 MPD F . -6.45 -16.07 -4.05
O4 MPD F . -7.40 -15.09 -3.85
C5 MPD F . -5.39 -15.49 -4.92
H11 MPD F . -5.46 -16.56 -0.28
H12 MPD F . -6.69 -17.35 0.37
H13 MPD F . -6.88 -15.85 -0.11
HM1 MPD F . -6.30 -19.05 -2.29
HM2 MPD F . -7.84 -18.95 -1.97
HM3 MPD F . -6.79 -19.04 -0.79
H31 MPD F . -5.27 -17.33 -3.01
H32 MPD F . -5.38 -15.89 -2.37
H4 MPD F . -6.84 -16.82 -4.55
HO4 MPD F . -7.12 -14.51 -3.29
H51 MPD F . -5.54 -14.54 -5.03
H52 MPD F . -5.42 -15.93 -5.79
H53 MPD F . -4.52 -15.63 -4.52
C1 EDO G . 0.14 6.61 -14.36
O1 EDO G . 0.84 5.44 -14.62
C2 EDO G . -0.74 6.55 -13.16
O2 EDO G . -1.07 7.85 -12.76
H11 EDO G . -0.43 6.81 -15.14
H12 EDO G . 0.77 7.34 -14.26
H21 EDO G . -0.25 6.10 -12.43
H22 EDO G . -1.54 6.04 -13.36
HO2 EDO G . -1.62 8.19 -13.32
C1 PG6 H . -8.06 -22.14 15.06
O1 PG6 H . -7.72 -23.49 15.45
C2 PG6 H . -6.50 -23.64 16.17
C3 PG6 H . -6.43 -24.99 16.83
O2 PG6 H . -6.20 -26.02 15.88
C4 PG6 H . -6.15 -27.30 16.48
C5 PG6 H . -5.99 -28.37 15.45
O3 PG6 H . -6.96 -28.18 14.43
C6 PG6 H . -7.81 -29.30 14.25
C7 PG6 H . -8.85 -29.01 13.24
O4 PG6 H . -8.25 -28.95 11.96
C8 PG6 H . -9.15 -29.10 10.88
C9 PG6 H . -8.43 -28.88 9.58
O5 PG6 H . -8.22 -27.48 9.36
C10 PG6 H . -7.43 -27.21 8.20
C11 PG6 H . -7.18 -25.73 8.10
O6 PG6 H . -8.39 -25.03 7.83
C12 PG6 H . -8.34 -23.61 7.89
H11 PG6 H . -8.88 -22.15 14.55
H12 PG6 H . -7.34 -21.78 14.51
H13 PG6 H . -8.17 -21.60 15.86
H21 PG6 H . -6.45 -22.93 16.85
H22 PG6 H . -5.75 -23.53 15.55
H31 PG6 H . -7.27 -25.17 17.30
H32 PG6 H . -5.71 -24.98 17.50
H41 PG6 H . -6.97 -27.47 16.99
H42 PG6 H . -5.39 -27.34 17.09
H51 PG6 H . -6.11 -29.25 15.88
H52 PG6 H . -5.09 -28.34 15.07
H61 PG6 H . -8.24 -29.53 15.10
H62 PG6 H . -7.29 -30.07 13.97
H71 PG6 H . -9.28 -28.14 13.45
H72 PG6 H . -9.54 -29.71 13.27
H81 PG6 H . -9.88 -28.44 10.96
H82 PG6 H . -9.54 -29.99 10.89
H91 PG6 H . -8.95 -29.26 8.85
H92 PG6 H . -7.56 -29.34 9.62
H101 PG6 H . -7.91 -27.52 7.40
H102 PG6 H . -6.58 -27.69 8.27
H111 PG6 H . -6.53 -25.56 7.39
H112 PG6 H . -6.79 -25.41 8.95
H121 PG6 H . -8.44 -23.25 6.99
H122 PG6 H . -7.48 -23.31 8.26
H123 PG6 H . -9.06 -23.28 8.45
C1 EDO I . 7.26 -17.44 6.77
O1 EDO I . 6.78 -18.34 7.74
C2 EDO I . 8.05 -18.14 5.72
O2 EDO I . 8.92 -17.32 5.00
H11 EDO I . 7.83 -16.77 7.21
H12 EDO I . 6.51 -16.98 6.36
H21 EDO I . 7.44 -18.57 5.09
H22 EDO I . 8.58 -18.84 6.14
HO2 EDO I . 8.57 -16.56 4.90
C1 EDO J . -23.26 -13.08 -2.13
O1 EDO J . -23.37 -13.89 -1.00
C2 EDO J . -24.38 -12.16 -2.35
O2 EDO J . -24.65 -11.78 -3.66
H11 EDO J . -23.15 -13.65 -2.91
H12 EDO J . -22.45 -12.57 -2.04
H21 EDO J . -24.20 -11.34 -1.83
H22 EDO J . -25.18 -12.57 -1.98
HO2 EDO J . -23.93 -11.50 -4.02
C ACT K . 3.44 -18.40 -33.98
O ACT K . 4.36 -18.93 -34.60
OXT ACT K . 3.32 -17.16 -33.85
CH3 ACT K . 2.40 -19.30 -33.33
H1 ACT K . 1.73 -18.76 -32.89
H2 ACT K . 2.84 -19.87 -32.67
H3 ACT K . 1.99 -19.85 -34.01
#